data_7D4O
#
_entry.id   7D4O
#
_cell.length_a   65.773
_cell.length_b   107.182
_cell.length_c   65.875
_cell.angle_alpha   90.000
_cell.angle_beta   118.292
_cell.angle_gamma   90.000
#
_symmetry.space_group_name_H-M   'P 1 21 1'
#
loop_
_entity.id
_entity.type
_entity.pdbx_description
1 polymer 'Cyclic AMP-AMP-GMP synthase'
2 non-polymer "ADENOSINE-5'-TRIPHOSPHATE"
3 non-polymer "ADENOSINE-5'-DIPHOSPHATE"
4 non-polymer 'MAGNESIUM ION'
5 non-polymer GLYCEROL
6 water water
#
_entity_poly.entity_id   1
_entity_poly.type   'polypeptide(L)'
_entity_poly.pdbx_seq_one_letter_code
;MELQPQFNEFLANIRPTDTQKEDWKSGARTLRERLKNFEPLKEIVVSTFLQGSIRRSTAIRPLGDKRPDVDIVVVTNLDH
TRMSPTDAMDLFIPFLEKYYPGKWETQGRSFGITLSYVELDLVITAIPESGAEKSHLEQLYKSESVLTVNSLEEQTDWRL
NKSWTPNTGWLSESNSAQVEDAPASEWKAHPLVLPDREKNEWGRTHPLAQIRWTAEKNRLCNGHYINLVRAVKWWRQQNS
EDLPKYPKGYPLEHLIGNALDNGTTSMAQGLVQLMDTFLSRWAAIYNQKSKPWLSDHGVAEHDVMARLTAEDFCSFYEGI
ASAAEIARNALASEEPQESAQLWRQLFGSKFPLPGPQGGDRNGGFTTPSKPAEPQKTGRFALEHHHHHH
;
_entity_poly.pdbx_strand_id   A,B
#
# COMPACT_ATOMS: atom_id res chain seq x y z
N MET A 1 -8.93 -5.49 25.90
CA MET A 1 -10.25 -4.90 26.10
C MET A 1 -11.02 -4.83 24.77
N GLU A 2 -12.35 -4.79 24.84
CA GLU A 2 -13.15 -4.72 23.60
C GLU A 2 -13.18 -3.32 23.00
N LEU A 3 -13.13 -2.28 23.84
CA LEU A 3 -13.06 -0.88 23.40
C LEU A 3 -14.15 -0.55 22.37
N GLN A 4 -15.38 -0.92 22.68
CA GLN A 4 -16.46 -0.69 21.71
C GLN A 4 -16.58 0.76 21.27
N PRO A 5 -16.46 1.78 22.16
CA PRO A 5 -16.54 3.17 21.65
C PRO A 5 -15.43 3.51 20.67
N GLN A 6 -14.23 3.01 20.91
CA GLN A 6 -13.14 3.28 19.98
C GLN A 6 -13.37 2.56 18.65
N PHE A 7 -13.91 1.34 18.68
CA PHE A 7 -14.27 0.70 17.42
C PHE A 7 -15.33 1.52 16.68
N ASN A 8 -16.31 2.05 17.39
CA ASN A 8 -17.33 2.86 16.72
C ASN A 8 -16.71 4.10 16.07
N GLU A 9 -15.80 4.77 16.78
CA GLU A 9 -15.10 5.94 16.23
C GLU A 9 -14.23 5.55 15.02
N PHE A 10 -13.52 4.43 15.13
CA PHE A 10 -12.75 3.90 14.01
C PHE A 10 -13.64 3.72 12.78
N LEU A 11 -14.80 3.10 12.98
CA LEU A 11 -15.71 2.86 11.86
C LEU A 11 -16.17 4.16 11.23
N ALA A 12 -16.54 5.16 12.05
CA ALA A 12 -16.87 6.47 11.49
C ALA A 12 -15.70 7.03 10.70
N ASN A 13 -14.48 6.75 11.12
CA ASN A 13 -13.30 7.25 10.41
C ASN A 13 -13.09 6.58 9.07
N ILE A 14 -13.56 5.35 8.90
CA ILE A 14 -13.27 4.61 7.67
C ILE A 14 -14.46 4.46 6.73
N ARG A 15 -15.66 4.89 7.12
CA ARG A 15 -16.76 4.94 6.16
C ARG A 15 -16.46 6.00 5.09
N PRO A 16 -16.99 5.84 3.88
CA PRO A 16 -16.95 6.95 2.93
C PRO A 16 -17.54 8.21 3.55
N THR A 17 -17.05 9.35 3.10
CA THR A 17 -17.44 10.63 3.67
C THR A 17 -18.86 11.00 3.25
N ASP A 18 -19.43 11.94 4.00
CA ASP A 18 -20.76 12.43 3.66
C ASP A 18 -20.80 13.05 2.27
N THR A 19 -19.73 13.74 1.88
CA THR A 19 -19.67 14.32 0.54
C THR A 19 -19.75 13.23 -0.52
N GLN A 20 -18.99 12.14 -0.32
CA GLN A 20 -19.05 11.03 -1.27
C GLN A 20 -20.43 10.40 -1.26
N LYS A 21 -20.98 10.18 -0.07
CA LYS A 21 -22.27 9.51 0.05
C LYS A 21 -23.37 10.25 -0.69
N GLU A 22 -23.45 11.57 -0.48
CA GLU A 22 -24.51 12.32 -1.15
C GLU A 22 -24.25 12.37 -2.65
N ASP A 23 -22.98 12.39 -3.06
CA ASP A 23 -22.70 12.42 -4.50
C ASP A 23 -23.19 11.15 -5.17
N TRP A 24 -22.93 9.97 -4.56
CA TRP A 24 -23.38 8.76 -5.28
C TRP A 24 -24.88 8.56 -5.16
N LYS A 25 -25.51 9.00 -4.07
CA LYS A 25 -26.97 8.92 -4.02
C LYS A 25 -27.60 9.82 -5.09
N SER A 26 -27.15 11.08 -5.17
CA SER A 26 -27.62 11.96 -6.23
C SER A 26 -27.33 11.40 -7.62
N GLY A 27 -26.13 10.83 -7.78
CA GLY A 27 -25.75 10.31 -9.08
C GLY A 27 -26.62 9.15 -9.52
N ALA A 28 -26.91 8.23 -8.61
CA ALA A 28 -27.77 7.10 -8.92
C ALA A 28 -29.19 7.57 -9.24
N ARG A 29 -29.71 8.49 -8.43
CA ARG A 29 -31.07 8.96 -8.68
C ARG A 29 -31.16 9.62 -10.06
N THR A 30 -30.17 10.46 -10.39
CA THR A 30 -30.23 11.19 -11.65
C THR A 30 -30.05 10.25 -12.83
N LEU A 31 -29.11 9.30 -12.73
CA LEU A 31 -28.95 8.31 -13.79
C LEU A 31 -30.23 7.52 -14.01
N ARG A 32 -30.84 7.03 -12.92
CA ARG A 32 -32.08 6.28 -13.04
C ARG A 32 -33.17 7.10 -13.75
N GLU A 33 -33.35 8.36 -13.35
CA GLU A 33 -34.39 9.19 -13.97
C GLU A 33 -34.10 9.43 -15.45
N ARG A 34 -32.83 9.73 -15.80
CA ARG A 34 -32.50 9.96 -17.20
C ARG A 34 -32.78 8.73 -18.04
N LEU A 35 -32.37 7.55 -17.54
CA LEU A 35 -32.65 6.31 -18.27
C LEU A 35 -34.13 6.08 -18.43
N LYS A 36 -34.91 6.37 -17.37
CA LYS A 36 -36.35 6.18 -17.42
C LYS A 36 -37.00 7.06 -18.48
N ASN A 37 -36.45 8.24 -18.75
CA ASN A 37 -37.09 9.14 -19.70
C ASN A 37 -36.42 9.15 -21.08
N PHE A 38 -35.42 8.31 -21.32
CA PHE A 38 -34.70 8.32 -22.59
C PHE A 38 -35.43 7.44 -23.59
N GLU A 39 -36.09 8.08 -24.56
CA GLU A 39 -37.04 7.40 -25.45
C GLU A 39 -36.51 6.11 -26.06
N PRO A 40 -35.30 6.05 -26.63
CA PRO A 40 -34.86 4.77 -27.23
C PRO A 40 -34.73 3.62 -26.24
N LEU A 41 -34.53 3.88 -24.94
CA LEU A 41 -34.33 2.83 -23.94
C LEU A 41 -35.54 2.64 -23.03
N LYS A 42 -36.58 3.47 -23.18
CA LYS A 42 -37.73 3.46 -22.29
C LYS A 42 -38.34 2.09 -22.11
N GLU A 43 -38.46 1.34 -23.19
CA GLU A 43 -39.14 0.05 -23.15
C GLU A 43 -38.18 -1.13 -22.94
N ILE A 44 -36.91 -0.84 -22.68
CA ILE A 44 -35.88 -1.85 -22.50
C ILE A 44 -35.38 -1.90 -21.07
N VAL A 45 -35.22 -0.74 -20.44
CA VAL A 45 -34.67 -0.69 -19.09
C VAL A 45 -35.79 -1.01 -18.09
N VAL A 46 -35.59 -2.07 -17.30
CA VAL A 46 -36.50 -2.46 -16.23
C VAL A 46 -36.22 -1.65 -14.98
N SER A 47 -34.94 -1.49 -14.65
CA SER A 47 -34.62 -0.94 -13.34
C SER A 47 -33.17 -0.51 -13.34
N THR A 48 -32.84 0.52 -12.54
CA THR A 48 -31.45 0.94 -12.34
C THR A 48 -31.22 0.95 -10.83
N PHE A 49 -30.29 0.15 -10.32
CA PHE A 49 -30.21 0.07 -8.85
C PHE A 49 -28.78 0.03 -8.35
N LEU A 50 -28.63 0.49 -7.11
CA LEU A 50 -27.33 0.57 -6.44
C LEU A 50 -26.96 -0.81 -5.92
N GLN A 51 -25.71 -1.23 -6.14
CA GLN A 51 -25.26 -2.56 -5.71
C GLN A 51 -23.84 -2.46 -5.15
N GLY A 52 -23.16 -3.61 -5.02
CA GLY A 52 -21.76 -3.64 -4.63
C GLY A 52 -21.57 -3.21 -3.17
N SER A 53 -20.29 -2.91 -2.84
CA SER A 53 -19.95 -2.65 -1.44
C SER A 53 -20.65 -1.38 -0.92
N ILE A 54 -20.92 -0.41 -1.79
CA ILE A 54 -21.60 0.81 -1.34
C ILE A 54 -22.99 0.47 -0.82
N ARG A 55 -23.72 -0.33 -1.60
CA ARG A 55 -25.08 -0.72 -1.21
C ARG A 55 -25.05 -1.54 0.08
N ARG A 56 -24.08 -2.44 0.22
CA ARG A 56 -24.04 -3.33 1.38
C ARG A 56 -23.39 -2.69 2.60
N SER A 57 -22.96 -1.43 2.53
CA SER A 57 -22.26 -0.78 3.64
C SER A 57 -20.98 -1.55 4.00
N THR A 58 -20.31 -2.11 2.98
CA THR A 58 -19.01 -2.75 3.21
C THR A 58 -17.88 -2.03 2.45
N ALA A 59 -18.13 -0.80 2.01
CA ALA A 59 -17.14 0.00 1.33
C ALA A 59 -16.33 0.81 2.34
N ILE A 60 -15.03 0.99 2.06
CA ILE A 60 -14.21 1.86 2.90
C ILE A 60 -13.82 3.11 2.12
N ARG A 61 -13.51 4.16 2.87
CA ARG A 61 -13.10 5.44 2.30
C ARG A 61 -11.78 5.29 1.54
N PRO A 62 -11.71 5.74 0.29
CA PRO A 62 -10.43 5.73 -0.42
C PRO A 62 -9.40 6.62 0.24
N LEU A 63 -8.14 6.28 0.05
CA LEU A 63 -7.06 7.09 0.59
C LEU A 63 -6.84 8.32 -0.28
N GLY A 64 -6.36 9.39 0.35
CA GLY A 64 -6.07 10.60 -0.41
C GLY A 64 -7.35 11.21 -0.95
N ASP A 65 -7.32 11.56 -2.23
CA ASP A 65 -8.47 12.17 -2.89
C ASP A 65 -9.09 11.23 -3.93
N LYS A 66 -8.80 9.93 -3.83
CA LYS A 66 -9.36 8.97 -4.77
C LYS A 66 -10.87 8.92 -4.63
N ARG A 67 -11.54 8.66 -5.76
CA ARG A 67 -13.01 8.56 -5.83
C ARG A 67 -13.45 7.14 -5.52
N PRO A 68 -14.46 6.96 -4.68
CA PRO A 68 -15.01 5.61 -4.43
C PRO A 68 -15.60 4.99 -5.69
N ASP A 69 -15.46 3.67 -5.79
CA ASP A 69 -16.15 2.85 -6.79
C ASP A 69 -17.58 2.66 -6.33
N VAL A 70 -18.53 3.00 -7.18
CA VAL A 70 -19.95 2.90 -6.86
C VAL A 70 -20.61 2.03 -7.91
N ASP A 71 -20.99 0.82 -7.54
CA ASP A 71 -21.53 -0.13 -8.52
C ASP A 71 -23.02 0.07 -8.73
N ILE A 72 -23.42 0.05 -10.02
CA ILE A 72 -24.81 0.24 -10.44
C ILE A 72 -25.18 -0.88 -11.39
N VAL A 73 -26.38 -1.46 -11.25
CA VAL A 73 -26.91 -2.44 -12.20
C VAL A 73 -28.00 -1.76 -13.02
N VAL A 74 -27.92 -1.89 -14.34
CA VAL A 74 -29.07 -1.61 -15.19
C VAL A 74 -29.67 -2.95 -15.59
N VAL A 75 -30.92 -3.19 -15.20
CA VAL A 75 -31.65 -4.39 -15.60
C VAL A 75 -32.42 -4.07 -16.87
N THR A 76 -32.18 -4.87 -17.93
CA THR A 76 -32.92 -4.81 -19.17
C THR A 76 -33.79 -6.06 -19.32
N ASN A 77 -34.76 -5.96 -20.25
CA ASN A 77 -35.60 -7.08 -20.65
C ASN A 77 -35.13 -7.70 -21.95
N LEU A 78 -33.88 -7.46 -22.35
CA LEU A 78 -33.39 -8.03 -23.61
C LEU A 78 -33.27 -9.56 -23.52
N ASP A 79 -33.45 -10.21 -24.67
CA ASP A 79 -33.32 -11.66 -24.77
C ASP A 79 -31.85 -12.03 -24.92
N HIS A 80 -31.25 -12.58 -23.86
CA HIS A 80 -29.81 -12.87 -23.87
C HIS A 80 -29.46 -14.02 -24.80
N THR A 81 -30.45 -14.80 -25.26
CA THR A 81 -30.19 -15.85 -26.25
C THR A 81 -30.13 -15.30 -27.68
N ARG A 82 -30.60 -14.08 -27.90
CA ARG A 82 -30.58 -13.48 -29.23
C ARG A 82 -29.65 -12.28 -29.32
N MET A 83 -29.24 -11.71 -28.20
CA MET A 83 -28.31 -10.59 -28.19
C MET A 83 -27.13 -10.88 -27.26
N SER A 84 -25.95 -10.51 -27.71
CA SER A 84 -24.74 -10.72 -26.91
C SER A 84 -24.62 -9.62 -25.84
N PRO A 85 -23.75 -9.82 -24.84
CA PRO A 85 -23.48 -8.72 -23.90
C PRO A 85 -23.10 -7.42 -24.59
N THR A 86 -22.25 -7.45 -25.62
CA THR A 86 -21.90 -6.18 -26.27
C THR A 86 -23.08 -5.58 -27.05
N ASP A 87 -23.99 -6.40 -27.61
CA ASP A 87 -25.22 -5.84 -28.21
C ASP A 87 -25.98 -4.98 -27.19
N ALA A 88 -26.13 -5.53 -25.97
CA ALA A 88 -26.83 -4.81 -24.92
C ALA A 88 -26.08 -3.54 -24.56
N MET A 89 -24.76 -3.65 -24.36
CA MET A 89 -23.98 -2.45 -24.01
C MET A 89 -24.02 -1.40 -25.12
N ASP A 90 -23.97 -1.83 -26.39
CA ASP A 90 -23.96 -0.89 -27.51
C ASP A 90 -25.15 0.05 -27.43
N LEU A 91 -26.28 -0.45 -26.92
CA LEU A 91 -27.46 0.42 -26.86
C LEU A 91 -27.24 1.66 -25.99
N PHE A 92 -26.31 1.65 -25.06
CA PHE A 92 -26.20 2.75 -24.10
C PHE A 92 -25.27 3.87 -24.54
N ILE A 93 -24.54 3.72 -25.65
CA ILE A 93 -23.57 4.74 -26.03
C ILE A 93 -24.21 6.10 -26.33
N PRO A 94 -25.29 6.19 -27.15
CA PRO A 94 -25.90 7.51 -27.35
C PRO A 94 -26.35 8.15 -26.04
N PHE A 95 -26.90 7.34 -25.14
CA PHE A 95 -27.36 7.87 -23.86
C PHE A 95 -26.20 8.49 -23.10
N LEU A 96 -25.07 7.76 -23.05
CA LEU A 96 -23.91 8.24 -22.31
C LEU A 96 -23.34 9.50 -22.97
N GLU A 97 -23.31 9.54 -24.29
CA GLU A 97 -22.80 10.73 -24.97
C GLU A 97 -23.73 11.92 -24.77
N LYS A 98 -25.03 11.68 -24.66
CA LYS A 98 -25.95 12.79 -24.45
C LYS A 98 -25.86 13.36 -23.05
N TYR A 99 -25.82 12.49 -22.03
CA TYR A 99 -25.89 12.99 -20.66
C TYR A 99 -24.56 13.07 -19.92
N TYR A 100 -23.55 12.30 -20.32
CA TYR A 100 -22.23 12.32 -19.65
C TYR A 100 -21.09 12.52 -20.63
N PRO A 101 -21.17 13.49 -21.56
CA PRO A 101 -20.06 13.66 -22.51
C PRO A 101 -18.76 13.97 -21.80
N GLY A 102 -17.69 13.32 -22.26
CA GLY A 102 -16.37 13.49 -21.69
C GLY A 102 -16.17 12.89 -20.32
N LYS A 103 -17.18 12.22 -19.75
CA LYS A 103 -17.08 11.71 -18.39
C LYS A 103 -17.36 10.22 -18.31
N TRP A 104 -17.53 9.53 -19.43
CA TRP A 104 -17.76 8.09 -19.40
C TRP A 104 -16.70 7.38 -20.22
N GLU A 105 -16.54 6.09 -19.94
CA GLU A 105 -15.67 5.28 -20.80
C GLU A 105 -16.10 3.83 -20.67
N THR A 106 -15.93 3.06 -21.74
CA THR A 106 -16.16 1.61 -21.63
C THR A 106 -14.98 1.03 -20.86
N GLN A 107 -15.26 0.17 -19.90
CA GLN A 107 -14.22 -0.45 -19.07
C GLN A 107 -14.49 -1.96 -19.07
N GLY A 108 -14.30 -2.55 -20.25
CA GLY A 108 -14.50 -3.98 -20.42
C GLY A 108 -15.94 -4.38 -20.29
N ARG A 109 -16.29 -5.01 -19.15
CA ARG A 109 -17.64 -5.52 -18.92
C ARG A 109 -18.55 -4.47 -18.31
N SER A 110 -18.08 -3.24 -18.12
CA SER A 110 -18.94 -2.24 -17.50
C SER A 110 -18.60 -0.89 -18.08
N PHE A 111 -19.39 0.13 -17.71
CA PHE A 111 -19.14 1.51 -18.10
C PHE A 111 -18.71 2.28 -16.87
N GLY A 112 -17.70 3.14 -17.00
CA GLY A 112 -17.29 4.01 -15.90
C GLY A 112 -17.84 5.40 -16.18
N ILE A 113 -18.42 6.02 -15.16
CA ILE A 113 -18.89 7.40 -15.27
C ILE A 113 -18.26 8.21 -14.14
N THR A 114 -17.54 9.28 -14.50
CA THR A 114 -16.86 10.10 -13.50
C THR A 114 -17.80 11.22 -13.02
N LEU A 115 -18.16 11.19 -11.73
CA LEU A 115 -18.90 12.29 -11.13
C LEU A 115 -17.93 13.16 -10.34
N SER A 116 -18.46 14.19 -9.64
CA SER A 116 -17.57 15.13 -8.94
C SER A 116 -16.71 14.42 -7.89
N TYR A 117 -17.31 13.48 -7.15
CA TYR A 117 -16.65 12.89 -6.00
C TYR A 117 -16.62 11.38 -6.00
N VAL A 118 -17.28 10.75 -6.97
CA VAL A 118 -17.37 9.29 -7.01
C VAL A 118 -17.25 8.86 -8.46
N GLU A 119 -17.03 7.56 -8.65
CA GLU A 119 -16.95 6.94 -9.96
C GLU A 119 -18.02 5.85 -10.03
N LEU A 120 -19.02 6.02 -10.90
CA LEU A 120 -20.03 4.98 -11.10
C LEU A 120 -19.46 3.88 -11.99
N ASP A 121 -19.82 2.64 -11.67
CA ASP A 121 -19.37 1.43 -12.36
C ASP A 121 -20.67 0.71 -12.73
N LEU A 122 -21.12 0.92 -13.98
CA LEU A 122 -22.42 0.48 -14.47
C LEU A 122 -22.28 -0.84 -15.21
N VAL A 123 -23.03 -1.87 -14.79
CA VAL A 123 -23.09 -3.11 -15.56
C VAL A 123 -24.49 -3.25 -16.15
N ILE A 124 -24.55 -3.70 -17.41
CA ILE A 124 -25.81 -3.92 -18.11
C ILE A 124 -26.18 -5.40 -18.00
N THR A 125 -27.40 -5.69 -17.53
CA THR A 125 -27.80 -7.07 -17.27
C THR A 125 -29.10 -7.38 -17.99
N ALA A 126 -29.44 -8.67 -18.02
CA ALA A 126 -30.70 -9.10 -18.59
C ALA A 126 -31.32 -10.16 -17.70
N ILE A 127 -32.63 -10.34 -17.83
CA ILE A 127 -33.39 -11.34 -17.08
C ILE A 127 -33.53 -12.58 -17.96
N PRO A 128 -32.97 -13.74 -17.55
CA PRO A 128 -33.09 -14.95 -18.42
C PRO A 128 -34.49 -15.52 -18.45
N GLU A 129 -35.33 -15.25 -17.46
CA GLU A 129 -36.67 -15.82 -17.41
C GLU A 129 -37.58 -15.22 -18.49
N SER A 130 -38.71 -15.88 -18.70
CA SER A 130 -39.70 -15.44 -19.68
C SER A 130 -41.09 -15.47 -19.03
N GLY A 131 -42.07 -14.89 -19.71
CA GLY A 131 -43.45 -15.05 -19.29
C GLY A 131 -43.77 -14.47 -17.94
N ALA A 132 -44.59 -15.22 -17.18
CA ALA A 132 -45.05 -14.75 -15.88
C ALA A 132 -43.90 -14.66 -14.88
N GLU A 133 -42.97 -15.62 -14.93
CA GLU A 133 -41.80 -15.54 -14.05
C GLU A 133 -41.03 -14.26 -14.28
N LYS A 134 -40.84 -13.90 -15.57
CA LYS A 134 -40.17 -12.65 -15.88
C LYS A 134 -40.93 -11.46 -15.33
N SER A 135 -42.26 -11.44 -15.51
CA SER A 135 -43.04 -10.31 -15.00
C SER A 135 -42.91 -10.17 -13.48
N HIS A 136 -42.94 -11.30 -12.77
CA HIS A 136 -42.82 -11.24 -11.31
C HIS A 136 -41.47 -10.68 -10.90
N LEU A 137 -40.40 -11.09 -11.59
CA LEU A 137 -39.09 -10.54 -11.24
C LEU A 137 -39.02 -9.07 -11.59
N GLU A 138 -39.58 -8.64 -12.72
CA GLU A 138 -39.57 -7.22 -13.04
C GLU A 138 -40.26 -6.41 -11.96
N GLN A 139 -41.38 -6.94 -11.42
CA GLN A 139 -42.04 -6.25 -10.31
C GLN A 139 -41.10 -6.11 -9.12
N LEU A 140 -40.29 -7.13 -8.84
CA LEU A 140 -39.33 -7.00 -7.73
C LEU A 140 -38.29 -5.92 -8.04
N TYR A 141 -37.73 -5.94 -9.26
CA TYR A 141 -36.69 -4.96 -9.58
C TYR A 141 -37.22 -3.53 -9.59
N LYS A 142 -38.53 -3.34 -9.75
CA LYS A 142 -39.13 -2.01 -9.75
C LYS A 142 -39.61 -1.55 -8.39
N SER A 143 -39.40 -2.36 -7.36
CA SER A 143 -39.95 -2.09 -6.04
C SER A 143 -38.99 -1.23 -5.23
N GLU A 144 -39.52 -0.62 -4.17
CA GLU A 144 -38.70 0.23 -3.31
C GLU A 144 -37.56 -0.56 -2.69
N SER A 145 -37.80 -1.84 -2.38
CA SER A 145 -36.76 -2.71 -1.85
C SER A 145 -35.52 -2.72 -2.77
N VAL A 146 -35.74 -2.72 -4.07
CA VAL A 146 -34.58 -2.70 -4.96
C VAL A 146 -34.12 -1.29 -5.25
N LEU A 147 -35.05 -0.33 -5.34
CA LEU A 147 -34.67 0.99 -5.83
C LEU A 147 -34.14 1.93 -4.75
N THR A 148 -34.22 1.57 -3.47
CA THR A 148 -33.65 2.44 -2.43
C THR A 148 -32.19 2.70 -2.73
N VAL A 149 -31.76 3.95 -2.55
CA VAL A 149 -30.33 4.24 -2.68
C VAL A 149 -29.67 4.40 -1.32
N ASN A 150 -30.38 4.07 -0.25
CA ASN A 150 -29.76 3.99 1.07
C ASN A 150 -29.04 2.66 1.24
N SER A 151 -27.97 2.67 2.03
CA SER A 151 -27.23 1.44 2.24
C SER A 151 -27.81 0.63 3.40
N LEU A 152 -27.35 -0.61 3.52
CA LEU A 152 -27.89 -1.53 4.54
C LEU A 152 -27.85 -0.94 5.94
N GLU A 153 -26.74 -0.30 6.31
CA GLU A 153 -26.66 0.16 7.70
C GLU A 153 -27.56 1.35 7.97
N GLU A 154 -28.02 2.03 6.91
CA GLU A 154 -28.97 3.13 7.03
C GLU A 154 -30.41 2.66 7.17
N GLN A 155 -30.68 1.37 6.87
CA GLN A 155 -32.04 0.85 6.83
C GLN A 155 -32.00 -0.60 7.31
N THR A 156 -31.88 -0.79 8.63
CA THR A 156 -31.85 -2.16 9.13
C THR A 156 -33.20 -2.85 8.97
N ASP A 157 -34.29 -2.09 8.77
CA ASP A 157 -35.57 -2.73 8.50
C ASP A 157 -35.69 -3.24 7.06
N TRP A 158 -34.72 -2.94 6.19
CA TRP A 158 -34.78 -3.40 4.81
C TRP A 158 -34.91 -4.92 4.72
N ARG A 159 -35.77 -5.37 3.81
CA ARG A 159 -35.86 -6.78 3.46
C ARG A 159 -36.03 -6.87 1.94
N LEU A 160 -35.72 -8.04 1.38
CA LEU A 160 -35.90 -8.23 -0.07
C LEU A 160 -37.34 -8.68 -0.27
N ASN A 161 -38.21 -7.71 -0.54
CA ASN A 161 -39.64 -8.00 -0.59
C ASN A 161 -40.28 -6.83 -1.30
N LYS A 162 -41.00 -7.11 -2.39
CA LYS A 162 -41.61 -6.01 -3.15
C LYS A 162 -42.62 -5.22 -2.35
N SER A 163 -43.05 -5.72 -1.18
CA SER A 163 -43.97 -5.01 -0.31
C SER A 163 -43.28 -4.23 0.79
N TRP A 164 -41.95 -4.31 0.91
CA TRP A 164 -41.24 -3.51 1.91
C TRP A 164 -41.35 -2.03 1.58
N THR A 165 -41.54 -1.21 2.60
CA THR A 165 -41.50 0.22 2.36
C THR A 165 -40.61 0.88 3.40
N PRO A 166 -39.92 1.96 3.03
CA PRO A 166 -39.00 2.61 3.97
C PRO A 166 -39.69 3.03 5.27
N ASN A 167 -38.95 2.89 6.36
CA ASN A 167 -39.44 3.34 7.66
C ASN A 167 -39.17 4.84 7.71
N THR A 168 -40.20 5.65 7.44
CA THR A 168 -39.99 7.09 7.33
C THR A 168 -40.12 7.77 8.69
N GLN A 178 -41.61 -5.57 10.56
CA GLN A 178 -42.92 -5.85 9.96
C GLN A 178 -42.80 -6.95 8.91
N VAL A 179 -42.43 -6.59 7.68
CA VAL A 179 -42.32 -7.59 6.62
C VAL A 179 -40.98 -8.30 6.70
N GLU A 180 -40.92 -9.47 6.10
CA GLU A 180 -39.70 -10.26 6.05
C GLU A 180 -39.27 -10.36 4.60
N ASP A 181 -38.11 -10.97 4.37
CA ASP A 181 -37.71 -11.31 3.02
C ASP A 181 -38.80 -12.16 2.39
N ALA A 182 -39.02 -11.94 1.09
CA ALA A 182 -39.92 -12.78 0.33
C ALA A 182 -39.49 -14.25 0.42
N PRO A 183 -40.44 -15.17 0.33
CA PRO A 183 -40.08 -16.60 0.31
C PRO A 183 -39.03 -16.86 -0.76
N ALA A 184 -38.07 -17.72 -0.39
CA ALA A 184 -36.91 -17.95 -1.24
C ALA A 184 -37.30 -18.45 -2.62
N SER A 185 -38.39 -19.20 -2.70
CA SER A 185 -38.79 -19.74 -4.00
C SER A 185 -39.05 -18.63 -5.01
N GLU A 186 -39.34 -17.40 -4.57
CA GLU A 186 -39.60 -16.32 -5.51
C GLU A 186 -38.34 -15.69 -6.12
N TRP A 187 -37.14 -15.89 -5.54
CA TRP A 187 -35.96 -15.16 -6.03
C TRP A 187 -34.66 -15.97 -6.00
N LYS A 188 -34.54 -17.03 -5.18
CA LYS A 188 -33.22 -17.63 -4.91
C LYS A 188 -32.61 -18.23 -6.15
N ALA A 189 -33.41 -18.94 -6.96
CA ALA A 189 -32.87 -19.59 -8.15
C ALA A 189 -32.97 -18.70 -9.39
N HIS A 190 -33.01 -17.38 -9.23
CA HIS A 190 -33.22 -16.47 -10.37
C HIS A 190 -32.16 -15.38 -10.47
N PRO A 191 -30.94 -15.73 -10.91
CA PRO A 191 -29.91 -14.72 -11.15
C PRO A 191 -30.20 -13.93 -12.42
N LEU A 192 -29.61 -12.74 -12.47
CA LEU A 192 -29.46 -11.99 -13.72
C LEU A 192 -28.35 -12.59 -14.52
N VAL A 193 -28.21 -12.15 -15.80
CA VAL A 193 -26.96 -12.37 -16.52
C VAL A 193 -26.32 -11.02 -16.80
N LEU A 194 -24.97 -11.01 -16.83
CA LEU A 194 -24.17 -9.83 -17.12
C LEU A 194 -23.01 -10.25 -18.03
N PRO A 195 -22.24 -9.31 -18.59
CA PRO A 195 -21.10 -9.70 -19.43
C PRO A 195 -20.04 -10.38 -18.59
N ASP A 196 -19.44 -11.44 -19.12
CA ASP A 196 -18.25 -11.99 -18.48
C ASP A 196 -17.13 -10.94 -18.53
N ARG A 197 -16.15 -11.07 -17.63
CA ARG A 197 -15.18 -9.96 -17.48
C ARG A 197 -14.41 -9.71 -18.77
N GLU A 198 -13.93 -10.77 -19.43
CA GLU A 198 -12.97 -10.64 -20.52
C GLU A 198 -13.45 -11.18 -21.86
N LYS A 199 -14.68 -11.68 -21.94
CA LYS A 199 -15.14 -12.23 -23.20
C LYS A 199 -16.63 -11.94 -23.33
N ASN A 200 -17.08 -11.95 -24.58
CA ASN A 200 -18.42 -11.49 -24.93
C ASN A 200 -19.45 -12.62 -24.77
N GLU A 201 -19.61 -13.09 -23.54
CA GLU A 201 -20.56 -14.15 -23.21
C GLU A 201 -21.30 -13.76 -21.93
N TRP A 202 -22.56 -14.21 -21.80
CA TRP A 202 -23.33 -13.92 -20.61
C TRP A 202 -22.92 -14.84 -19.46
N GLY A 203 -22.70 -14.27 -18.28
CA GLY A 203 -22.51 -15.07 -17.07
C GLY A 203 -23.58 -14.72 -16.05
N ARG A 204 -23.79 -15.55 -15.05
CA ARG A 204 -24.84 -15.30 -14.06
C ARG A 204 -24.30 -14.46 -12.92
N THR A 205 -25.17 -13.60 -12.38
CA THR A 205 -24.87 -12.82 -11.17
C THR A 205 -26.17 -12.60 -10.41
N HIS A 206 -26.13 -12.63 -9.08
CA HIS A 206 -27.37 -12.46 -8.32
C HIS A 206 -27.14 -11.43 -7.22
N PRO A 207 -26.97 -10.16 -7.59
CA PRO A 207 -26.66 -9.14 -6.58
C PRO A 207 -27.74 -8.99 -5.51
N LEU A 208 -29.01 -9.13 -5.87
CA LEU A 208 -30.05 -9.03 -4.83
C LEU A 208 -29.90 -10.11 -3.78
N ALA A 209 -29.56 -11.34 -4.21
CA ALA A 209 -29.36 -12.40 -3.24
C ALA A 209 -28.14 -12.13 -2.37
N GLN A 210 -27.07 -11.56 -2.94
CA GLN A 210 -25.92 -11.22 -2.10
C GLN A 210 -26.26 -10.14 -1.08
N ILE A 211 -26.99 -9.12 -1.52
CA ILE A 211 -27.40 -8.04 -0.61
C ILE A 211 -28.26 -8.60 0.51
N ARG A 212 -29.25 -9.42 0.15
CA ARG A 212 -30.12 -10.00 1.18
C ARG A 212 -29.32 -10.87 2.14
N TRP A 213 -28.43 -11.70 1.61
CA TRP A 213 -27.62 -12.54 2.49
C TRP A 213 -26.82 -11.69 3.47
N THR A 214 -26.24 -10.59 2.98
CA THR A 214 -25.42 -9.72 3.82
C THR A 214 -26.27 -9.04 4.90
N ALA A 215 -27.47 -8.57 4.53
CA ALA A 215 -28.33 -7.93 5.52
C ALA A 215 -28.67 -8.93 6.61
N GLU A 216 -28.97 -10.18 6.22
CA GLU A 216 -29.34 -11.21 7.18
C GLU A 216 -28.16 -11.61 8.06
N LYS A 217 -26.99 -11.79 7.45
CA LYS A 217 -25.80 -12.08 8.24
C LYS A 217 -25.54 -10.97 9.24
N ASN A 218 -25.73 -9.73 8.81
CA ASN A 218 -25.53 -8.61 9.71
C ASN A 218 -26.52 -8.68 10.88
N ARG A 219 -27.78 -9.03 10.59
CA ARG A 219 -28.76 -9.21 11.68
C ARG A 219 -28.36 -10.34 12.62
N LEU A 220 -27.97 -11.49 12.06
CA LEU A 220 -27.53 -12.63 12.84
C LEU A 220 -26.31 -12.29 13.69
N CYS A 221 -25.53 -11.30 13.29
CA CYS A 221 -24.30 -10.94 13.99
C CYS A 221 -24.47 -9.61 14.72
N ASN A 222 -25.71 -9.24 15.01
CA ASN A 222 -26.01 -8.12 15.92
C ASN A 222 -25.41 -6.83 15.41
N GLY A 223 -25.38 -6.69 14.09
CA GLY A 223 -24.92 -5.48 13.46
C GLY A 223 -23.42 -5.36 13.30
N HIS A 224 -22.66 -6.38 13.66
CA HIS A 224 -21.20 -6.28 13.63
C HIS A 224 -20.59 -6.77 12.32
N TYR A 225 -21.35 -7.50 11.50
CA TYR A 225 -20.74 -8.11 10.32
C TYR A 225 -20.20 -7.05 9.34
N ILE A 226 -21.05 -6.11 8.91
CA ILE A 226 -20.61 -5.17 7.89
C ILE A 226 -19.51 -4.26 8.42
N ASN A 227 -19.51 -4.02 9.74
CA ASN A 227 -18.41 -3.27 10.37
C ASN A 227 -17.12 -4.08 10.37
N LEU A 228 -17.22 -5.39 10.62
CA LEU A 228 -16.03 -6.22 10.59
C LEU A 228 -15.47 -6.34 9.18
N VAL A 229 -16.35 -6.41 8.17
CA VAL A 229 -15.83 -6.41 6.80
C VAL A 229 -15.01 -5.16 6.57
N ARG A 230 -15.56 -4.00 6.92
CA ARG A 230 -14.82 -2.75 6.68
C ARG A 230 -13.53 -2.69 7.48
N ALA A 231 -13.56 -3.17 8.73
CA ALA A 231 -12.35 -3.17 9.55
C ALA A 231 -11.26 -4.06 8.96
N VAL A 232 -11.63 -5.25 8.49
CA VAL A 232 -10.63 -6.13 7.89
C VAL A 232 -10.14 -5.55 6.56
N LYS A 233 -11.03 -4.94 5.76
CA LYS A 233 -10.54 -4.28 4.56
C LYS A 233 -9.54 -3.18 4.90
N TRP A 234 -9.79 -2.47 5.99
CA TRP A 234 -8.85 -1.42 6.41
C TRP A 234 -7.52 -2.02 6.88
N TRP A 235 -7.57 -3.12 7.61
CA TRP A 235 -6.34 -3.83 7.98
C TRP A 235 -5.55 -4.21 6.73
N ARG A 236 -6.25 -4.76 5.74
CA ARG A 236 -5.58 -5.20 4.52
C ARG A 236 -4.90 -4.03 3.81
N GLN A 237 -5.57 -2.88 3.80
CA GLN A 237 -4.98 -1.71 3.19
C GLN A 237 -3.78 -1.21 3.99
N GLN A 238 -3.92 -1.12 5.31
CA GLN A 238 -2.85 -0.61 6.16
C GLN A 238 -1.63 -1.53 6.15
N ASN A 239 -1.83 -2.83 5.95
CA ASN A 239 -0.72 -3.77 5.95
C ASN A 239 -0.43 -4.30 4.54
N SER A 240 -0.78 -3.52 3.51
CA SER A 240 -0.72 -4.03 2.14
C SER A 240 0.69 -4.41 1.73
N GLU A 241 1.71 -3.74 2.27
CA GLU A 241 3.08 -4.10 1.90
C GLU A 241 3.43 -5.53 2.36
N ASP A 242 2.83 -6.00 3.43
CA ASP A 242 3.14 -7.32 3.95
C ASP A 242 2.08 -8.37 3.62
N LEU A 243 1.17 -8.06 2.72
CA LEU A 243 0.11 -8.98 2.32
C LEU A 243 0.10 -9.13 0.81
N PRO A 244 -0.42 -10.24 0.30
CA PRO A 244 -0.56 -10.40 -1.14
C PRO A 244 -1.58 -9.40 -1.70
N LYS A 245 -1.49 -9.14 -3.01
CA LYS A 245 -2.42 -8.19 -3.61
C LYS A 245 -3.86 -8.71 -3.54
N TYR A 246 -4.03 -10.02 -3.71
CA TYR A 246 -5.34 -10.66 -3.59
C TYR A 246 -5.29 -11.67 -2.44
N PRO A 247 -6.41 -11.89 -1.74
CA PRO A 247 -7.74 -11.34 -2.04
C PRO A 247 -7.89 -9.88 -1.57
N LYS A 248 -8.80 -9.20 -2.28
CA LYS A 248 -9.25 -7.87 -1.89
C LYS A 248 -10.66 -7.74 -2.42
N GLY A 249 -11.33 -6.65 -2.06
CA GLY A 249 -12.67 -6.46 -2.62
C GLY A 249 -13.64 -7.58 -2.28
N TYR A 250 -14.48 -7.96 -3.27
CA TYR A 250 -15.58 -8.83 -2.88
C TYR A 250 -15.08 -10.22 -2.43
N PRO A 251 -14.07 -10.83 -3.06
CA PRO A 251 -13.63 -12.13 -2.51
C PRO A 251 -13.14 -12.03 -1.06
N LEU A 252 -12.53 -10.90 -0.69
CA LEU A 252 -12.14 -10.69 0.69
C LEU A 252 -13.37 -10.60 1.59
N GLU A 253 -14.34 -9.80 1.17
CA GLU A 253 -15.59 -9.74 1.92
C GLU A 253 -16.20 -11.12 2.07
N HIS A 254 -16.21 -11.92 1.00
CA HIS A 254 -16.80 -13.25 1.09
C HIS A 254 -16.05 -14.12 2.10
N LEU A 255 -14.72 -14.05 2.10
CA LEU A 255 -13.97 -14.85 3.08
C LEU A 255 -14.31 -14.44 4.51
N ILE A 256 -14.52 -13.15 4.72
CA ILE A 256 -14.88 -12.67 6.05
C ILE A 256 -16.27 -13.15 6.45
N GLY A 257 -17.24 -13.00 5.55
CA GLY A 257 -18.58 -13.48 5.87
C GLY A 257 -18.63 -14.98 6.11
N ASN A 258 -17.77 -15.72 5.44
CA ASN A 258 -17.68 -17.15 5.69
C ASN A 258 -17.09 -17.42 7.07
N ALA A 259 -16.00 -16.73 7.40
CA ALA A 259 -15.27 -17.06 8.63
C ALA A 259 -16.04 -16.64 9.87
N LEU A 260 -16.76 -15.52 9.80
CA LEU A 260 -17.51 -15.05 10.96
C LEU A 260 -18.65 -16.02 11.29
N ASP A 261 -18.79 -16.37 12.59
CA ASP A 261 -19.91 -17.16 13.09
C ASP A 261 -21.14 -16.26 13.30
N ASN A 262 -22.34 -16.86 13.24
CA ASN A 262 -23.52 -16.17 13.76
C ASN A 262 -23.37 -15.86 15.25
N GLY A 263 -24.03 -14.78 15.68
CA GLY A 263 -24.14 -14.48 17.10
C GLY A 263 -23.10 -13.53 17.67
N THR A 264 -22.31 -12.87 16.82
CA THR A 264 -21.25 -11.94 17.24
C THR A 264 -21.77 -10.91 18.25
N THR A 265 -21.03 -10.73 19.36
CA THR A 265 -21.46 -9.76 20.37
C THR A 265 -20.61 -8.50 20.45
N SER A 266 -19.44 -8.45 19.82
CA SER A 266 -18.68 -7.20 19.77
C SER A 266 -17.70 -7.29 18.61
N MET A 267 -17.19 -6.12 18.20
CA MET A 267 -16.18 -6.08 17.14
C MET A 267 -14.95 -6.87 17.56
N ALA A 268 -14.47 -6.67 18.79
CA ALA A 268 -13.21 -7.29 19.17
C ALA A 268 -13.33 -8.80 19.23
N GLN A 269 -14.42 -9.27 19.85
CA GLN A 269 -14.69 -10.70 19.90
C GLN A 269 -14.88 -11.27 18.49
N GLY A 270 -15.62 -10.56 17.65
CA GLY A 270 -15.83 -11.03 16.28
C GLY A 270 -14.54 -11.14 15.49
N LEU A 271 -13.65 -10.15 15.63
CA LEU A 271 -12.37 -10.22 14.92
C LEU A 271 -11.58 -11.44 15.35
N VAL A 272 -11.49 -11.66 16.67
CA VAL A 272 -10.68 -12.81 17.10
C VAL A 272 -11.34 -14.11 16.64
N GLN A 273 -12.66 -14.20 16.76
CA GLN A 273 -13.33 -15.44 16.38
C GLN A 273 -13.16 -15.71 14.90
N LEU A 274 -13.40 -14.69 14.05
CA LEU A 274 -13.33 -14.95 12.60
C LEU A 274 -11.91 -15.27 12.18
N MET A 275 -10.90 -14.64 12.78
CA MET A 275 -9.53 -14.99 12.45
C MET A 275 -9.17 -16.41 12.90
N ASP A 276 -9.52 -16.75 14.15
CA ASP A 276 -9.29 -18.10 14.64
C ASP A 276 -9.96 -19.14 13.75
N THR A 277 -11.22 -18.90 13.39
CA THR A 277 -11.97 -19.86 12.57
C THR A 277 -11.36 -19.94 11.18
N PHE A 278 -10.99 -18.81 10.58
CA PHE A 278 -10.29 -18.84 9.30
C PHE A 278 -9.07 -19.76 9.38
N LEU A 279 -8.30 -19.62 10.45
CA LEU A 279 -7.07 -20.39 10.52
C LEU A 279 -7.34 -21.88 10.71
N SER A 280 -8.34 -22.23 11.51
CA SER A 280 -8.57 -23.66 11.70
C SER A 280 -9.28 -24.26 10.50
N ARG A 281 -10.23 -23.52 9.92
CA ARG A 281 -10.99 -24.03 8.78
C ARG A 281 -10.10 -24.30 7.58
N TRP A 282 -9.14 -23.41 7.31
CA TRP A 282 -8.32 -23.54 6.11
C TRP A 282 -6.94 -24.09 6.41
N ALA A 283 -6.70 -24.62 7.61
CA ALA A 283 -5.37 -25.16 7.93
C ALA A 283 -4.95 -26.24 6.93
N ALA A 284 -5.85 -27.18 6.63
CA ALA A 284 -5.50 -28.29 5.74
C ALA A 284 -5.23 -27.79 4.33
N ILE A 285 -6.07 -26.87 3.86
CA ILE A 285 -5.86 -26.29 2.55
C ILE A 285 -4.54 -25.56 2.48
N TYR A 286 -4.18 -24.83 3.56
CA TYR A 286 -2.89 -24.14 3.59
C TYR A 286 -1.74 -25.15 3.58
N ASN A 287 -1.87 -26.24 4.35
CA ASN A 287 -0.84 -27.28 4.36
C ASN A 287 -0.69 -27.91 2.98
N GLN A 288 -1.78 -27.99 2.22
CA GLN A 288 -1.75 -28.52 0.85
C GLN A 288 -1.29 -27.49 -0.18
N LYS A 289 -0.95 -26.28 0.23
CA LYS A 289 -0.56 -25.21 -0.69
C LYS A 289 -1.65 -24.99 -1.74
N SER A 290 -2.89 -24.95 -1.29
CA SER A 290 -4.02 -24.85 -2.19
C SER A 290 -4.87 -23.64 -1.83
N LYS A 291 -6.15 -23.65 -2.20
CA LYS A 291 -7.07 -22.57 -1.85
C LYS A 291 -8.47 -23.16 -1.77
N PRO A 292 -9.38 -22.55 -1.03
CA PRO A 292 -10.72 -23.08 -0.93
C PRO A 292 -11.56 -22.78 -2.17
N TRP A 293 -12.50 -23.69 -2.45
CA TRP A 293 -13.59 -23.48 -3.41
C TRP A 293 -14.79 -23.04 -2.59
N LEU A 294 -15.31 -21.83 -2.82
CA LEU A 294 -16.35 -21.29 -1.97
C LEU A 294 -17.54 -20.84 -2.81
N SER A 295 -18.70 -21.42 -2.52
CA SER A 295 -19.91 -21.14 -3.28
C SER A 295 -20.35 -19.70 -3.06
N ASP A 296 -20.63 -19.00 -4.17
CA ASP A 296 -21.21 -17.66 -4.09
C ASP A 296 -22.60 -17.68 -3.49
N HIS A 297 -22.90 -16.70 -2.61
CA HIS A 297 -24.25 -16.66 -2.02
C HIS A 297 -25.33 -16.32 -3.03
N GLY A 298 -24.97 -15.73 -4.16
CA GLY A 298 -25.95 -15.42 -5.20
C GLY A 298 -26.09 -16.53 -6.24
N VAL A 299 -24.98 -17.05 -6.76
CA VAL A 299 -24.97 -18.08 -7.82
C VAL A 299 -24.21 -19.27 -7.24
N ALA A 300 -24.94 -20.31 -6.80
CA ALA A 300 -24.33 -21.35 -5.96
C ALA A 300 -23.19 -22.05 -6.68
N GLU A 301 -23.32 -22.29 -7.99
CA GLU A 301 -22.30 -23.07 -8.68
C GLU A 301 -21.04 -22.25 -8.99
N HIS A 302 -21.02 -20.95 -8.70
CA HIS A 302 -19.81 -20.15 -8.89
C HIS A 302 -18.88 -20.22 -7.69
N ASP A 303 -17.57 -20.36 -7.97
CA ASP A 303 -16.52 -20.29 -6.93
C ASP A 303 -16.09 -18.84 -6.80
N VAL A 304 -16.40 -18.19 -5.66
CA VAL A 304 -15.99 -16.79 -5.50
C VAL A 304 -14.48 -16.66 -5.62
N MET A 305 -13.73 -17.70 -5.23
CA MET A 305 -12.28 -17.68 -5.26
C MET A 305 -11.70 -18.10 -6.62
N ALA A 306 -12.52 -18.14 -7.68
CA ALA A 306 -12.03 -18.72 -8.95
C ALA A 306 -10.76 -18.06 -9.47
N ARG A 307 -10.62 -16.75 -9.31
CA ARG A 307 -9.44 -16.06 -9.87
C ARG A 307 -8.30 -15.93 -8.86
N LEU A 308 -8.51 -16.33 -7.62
CA LEU A 308 -7.51 -16.21 -6.58
C LEU A 308 -6.51 -17.34 -6.75
N THR A 309 -5.21 -17.04 -6.76
CA THR A 309 -4.24 -18.13 -6.88
C THR A 309 -3.98 -18.79 -5.52
N ALA A 310 -3.52 -20.05 -5.58
CA ALA A 310 -3.15 -20.74 -4.34
C ALA A 310 -2.03 -20.01 -3.63
N GLU A 311 -1.06 -19.47 -4.37
CA GLU A 311 0.04 -18.75 -3.73
C GLU A 311 -0.48 -17.55 -2.94
N ASP A 312 -1.39 -16.78 -3.53
CA ASP A 312 -1.93 -15.62 -2.84
C ASP A 312 -2.79 -16.04 -1.65
N PHE A 313 -3.61 -17.08 -1.80
CA PHE A 313 -4.38 -17.53 -0.65
C PHE A 313 -3.47 -17.92 0.51
N CYS A 314 -2.37 -18.63 0.22
CA CYS A 314 -1.52 -19.09 1.31
C CYS A 314 -0.73 -17.93 1.93
N SER A 315 -0.29 -16.95 1.12
CA SER A 315 0.30 -15.75 1.71
C SER A 315 -0.70 -15.00 2.58
N PHE A 316 -1.96 -14.97 2.14
CA PHE A 316 -3.00 -14.31 2.94
C PHE A 316 -3.22 -15.05 4.25
N TYR A 317 -3.23 -16.37 4.21
CA TYR A 317 -3.39 -17.18 5.41
C TYR A 317 -2.28 -16.84 6.40
N GLU A 318 -1.05 -16.70 5.91
CA GLU A 318 0.06 -16.33 6.79
C GLU A 318 -0.15 -14.94 7.39
N GLY A 319 -0.71 -14.03 6.60
CA GLY A 319 -1.02 -12.71 7.11
C GLY A 319 -2.10 -12.75 8.20
N ILE A 320 -3.14 -13.55 7.99
CA ILE A 320 -4.17 -13.70 9.03
C ILE A 320 -3.56 -14.34 10.26
N ALA A 321 -2.65 -15.29 10.07
CA ALA A 321 -2.08 -15.95 11.25
C ALA A 321 -1.31 -14.96 12.10
N SER A 322 -0.52 -14.07 11.46
CA SER A 322 0.16 -13.00 12.20
C SER A 322 -0.82 -12.02 12.84
N ALA A 323 -1.87 -11.64 12.10
CA ALA A 323 -2.83 -10.67 12.63
C ALA A 323 -3.57 -11.24 13.84
N ALA A 324 -3.85 -12.54 13.83
CA ALA A 324 -4.64 -13.13 14.89
C ALA A 324 -3.91 -13.07 16.23
N GLU A 325 -2.58 -13.21 16.23
CA GLU A 325 -1.81 -13.09 17.47
C GLU A 325 -2.02 -11.71 18.07
N ILE A 326 -1.92 -10.68 17.22
CA ILE A 326 -2.11 -9.31 17.66
C ILE A 326 -3.52 -9.11 18.19
N ALA A 327 -4.52 -9.55 17.43
CA ALA A 327 -5.91 -9.37 17.84
C ALA A 327 -6.20 -10.08 19.17
N ARG A 328 -5.71 -11.31 19.34
CA ARG A 328 -5.89 -11.99 20.61
C ARG A 328 -5.30 -11.19 21.76
N ASN A 329 -4.09 -10.66 21.56
CA ASN A 329 -3.44 -9.87 22.61
C ASN A 329 -4.19 -8.58 22.91
N ALA A 330 -4.67 -7.94 21.86
CA ALA A 330 -5.44 -6.71 22.03
C ALA A 330 -6.72 -6.97 22.81
N LEU A 331 -7.43 -8.06 22.49
CA LEU A 331 -8.63 -8.38 23.24
C LEU A 331 -8.30 -8.74 24.69
N ALA A 332 -7.20 -9.47 24.90
CA ALA A 332 -6.89 -9.95 26.25
C ALA A 332 -6.36 -8.85 27.15
N SER A 333 -5.76 -7.81 26.59
CA SER A 333 -5.15 -6.77 27.40
C SER A 333 -6.18 -6.10 28.31
N GLU A 334 -5.85 -5.99 29.59
CA GLU A 334 -6.79 -5.45 30.57
C GLU A 334 -6.55 -3.97 30.85
N GLU A 335 -5.72 -3.32 30.04
CA GLU A 335 -5.38 -1.92 30.19
C GLU A 335 -5.79 -1.16 28.93
N PRO A 336 -6.58 -0.08 29.05
CA PRO A 336 -7.12 0.58 27.83
C PRO A 336 -6.07 1.05 26.84
N GLN A 337 -5.03 1.72 27.32
CA GLN A 337 -4.00 2.24 26.42
C GLN A 337 -3.23 1.11 25.74
N GLU A 338 -2.81 0.10 26.50
CA GLU A 338 -2.09 -1.02 25.89
C GLU A 338 -2.96 -1.73 24.86
N SER A 339 -4.23 -1.94 25.20
CA SER A 339 -5.15 -2.59 24.29
C SER A 339 -5.30 -1.80 22.99
N ALA A 340 -5.48 -0.48 23.11
CA ALA A 340 -5.65 0.34 21.91
C ALA A 340 -4.39 0.36 21.08
N GLN A 341 -3.21 0.34 21.72
CA GLN A 341 -1.98 0.31 20.93
C GLN A 341 -1.87 -0.99 20.14
N LEU A 342 -2.35 -2.10 20.71
CA LEU A 342 -2.34 -3.34 19.92
C LEU A 342 -3.34 -3.28 18.76
N TRP A 343 -4.55 -2.77 19.02
CA TRP A 343 -5.50 -2.65 17.92
C TRP A 343 -4.95 -1.76 16.81
N ARG A 344 -4.23 -0.70 17.18
CA ARG A 344 -3.61 0.19 16.21
C ARG A 344 -2.47 -0.49 15.47
N GLN A 345 -1.86 -1.52 16.07
CA GLN A 345 -0.94 -2.32 15.29
C GLN A 345 -1.64 -2.97 14.12
N LEU A 346 -2.92 -3.32 14.30
CA LEU A 346 -3.67 -3.86 13.15
C LEU A 346 -4.17 -2.77 12.20
N PHE A 347 -4.75 -1.71 12.76
CA PHE A 347 -5.57 -0.80 11.96
C PHE A 347 -4.92 0.54 11.68
N GLY A 348 -3.83 0.88 12.36
CA GLY A 348 -3.23 2.18 12.14
C GLY A 348 -3.95 3.24 12.95
N SER A 349 -3.59 4.50 12.68
CA SER A 349 -3.97 5.60 13.56
C SER A 349 -5.43 6.02 13.44
N LYS A 350 -6.17 5.51 12.44
CA LYS A 350 -7.60 5.77 12.42
C LYS A 350 -8.32 5.11 13.59
N PHE A 351 -7.70 4.13 14.25
CA PHE A 351 -8.27 3.56 15.46
C PHE A 351 -7.82 4.43 16.63
N PRO A 352 -8.71 5.09 17.33
CA PRO A 352 -8.29 6.11 18.28
C PRO A 352 -7.87 5.55 19.62
N LEU A 353 -6.98 6.29 20.29
CA LEU A 353 -6.67 5.97 21.67
C LEU A 353 -7.82 6.40 22.58
N PRO A 354 -8.11 5.63 23.64
CA PRO A 354 -9.15 6.05 24.59
C PRO A 354 -8.71 7.28 25.37
N GLY A 355 -9.71 7.99 25.91
CA GLY A 355 -9.45 9.17 26.72
C GLY A 355 -8.77 8.88 28.05
N MET B 1 3.61 22.20 -16.47
CA MET B 1 4.44 23.18 -15.77
C MET B 1 5.40 22.51 -14.77
N GLU B 2 6.50 23.18 -14.44
CA GLU B 2 7.47 22.60 -13.50
C GLU B 2 7.04 22.74 -12.04
N LEU B 3 6.31 23.81 -11.72
CA LEU B 3 5.75 24.02 -10.38
C LEU B 3 6.81 23.77 -9.29
N GLN B 4 7.96 24.41 -9.44
CA GLN B 4 9.03 24.18 -8.46
C GLN B 4 8.59 24.50 -7.02
N PRO B 5 7.86 25.58 -6.73
CA PRO B 5 7.42 25.79 -5.33
C PRO B 5 6.55 24.66 -4.78
N GLN B 6 5.67 24.12 -5.61
CA GLN B 6 4.84 23.00 -5.16
C GLN B 6 5.70 21.75 -4.93
N PHE B 7 6.70 21.50 -5.78
CA PHE B 7 7.60 20.38 -5.50
C PHE B 7 8.33 20.60 -4.17
N ASN B 8 8.75 21.84 -3.91
CA ASN B 8 9.45 22.14 -2.65
C ASN B 8 8.54 21.86 -1.44
N GLU B 9 7.28 22.29 -1.52
CA GLU B 9 6.32 22.00 -0.45
C GLU B 9 6.06 20.50 -0.32
N PHE B 10 5.90 19.81 -1.45
CA PHE B 10 5.74 18.35 -1.44
C PHE B 10 6.90 17.67 -0.70
N LEU B 11 8.12 18.08 -1.03
CA LEU B 11 9.29 17.49 -0.38
C LEU B 11 9.27 17.75 1.12
N ALA B 12 8.92 18.98 1.54
CA ALA B 12 8.76 19.26 2.96
C ALA B 12 7.73 18.34 3.60
N ASN B 13 6.69 17.99 2.85
CA ASN B 13 5.63 17.12 3.38
C ASN B 13 6.09 15.67 3.53
N ILE B 14 7.09 15.23 2.76
CA ILE B 14 7.43 13.82 2.80
C ILE B 14 8.76 13.53 3.50
N ARG B 15 9.51 14.55 3.91
CA ARG B 15 10.69 14.32 4.73
C ARG B 15 10.26 13.79 6.10
N PRO B 16 11.10 13.00 6.76
CA PRO B 16 10.85 12.69 8.17
C PRO B 16 10.66 13.97 8.97
N THR B 17 9.89 13.85 10.05
CA THR B 17 9.53 15.01 10.85
C THR B 17 10.71 15.47 11.70
N ASP B 18 10.59 16.72 12.18
CA ASP B 18 11.63 17.27 13.06
C ASP B 18 11.74 16.48 14.36
N THR B 19 10.61 16.00 14.89
CA THR B 19 10.65 15.18 16.09
C THR B 19 11.42 13.87 15.82
N GLN B 20 11.17 13.23 14.68
CA GLN B 20 11.92 12.04 14.33
C GLN B 20 13.40 12.35 14.17
N LYS B 21 13.70 13.45 13.47
CA LYS B 21 15.09 13.83 13.24
C LYS B 21 15.83 14.02 14.55
N GLU B 22 15.23 14.75 15.48
CA GLU B 22 15.91 14.99 16.75
C GLU B 22 16.11 13.68 17.50
N ASP B 23 15.13 12.78 17.43
CA ASP B 23 15.25 11.50 18.11
C ASP B 23 16.38 10.66 17.55
N TRP B 24 16.53 10.58 16.21
CA TRP B 24 17.62 9.73 15.73
C TRP B 24 18.99 10.38 15.84
N LYS B 25 19.09 11.72 15.75
CA LYS B 25 20.40 12.33 15.98
C LYS B 25 20.86 12.15 17.43
N SER B 26 20.00 12.51 18.39
CA SER B 26 20.38 12.29 19.79
C SER B 26 20.58 10.81 20.08
N GLY B 27 19.75 9.94 19.49
CA GLY B 27 19.89 8.51 19.72
C GLY B 27 21.21 7.95 19.21
N ALA B 28 21.62 8.38 18.02
CA ALA B 28 22.91 7.94 17.47
C ALA B 28 24.07 8.46 18.33
N ARG B 29 24.01 9.75 18.73
CA ARG B 29 25.11 10.25 19.56
C ARG B 29 25.19 9.51 20.88
N THR B 30 24.02 9.20 21.49
CA THR B 30 24.03 8.52 22.77
C THR B 30 24.57 7.11 22.63
N LEU B 31 24.14 6.39 21.58
CA LEU B 31 24.67 5.06 21.35
C LEU B 31 26.17 5.10 21.16
N ARG B 32 26.65 6.02 20.33
CA ARG B 32 28.08 6.15 20.08
C ARG B 32 28.86 6.37 21.37
N GLU B 33 28.38 7.31 22.20
CA GLU B 33 29.09 7.62 23.45
C GLU B 33 29.09 6.43 24.39
N ARG B 34 27.95 5.74 24.50
CA ARG B 34 27.88 4.57 25.39
C ARG B 34 28.85 3.49 24.94
N LEU B 35 28.90 3.22 23.63
CA LEU B 35 29.86 2.25 23.12
C LEU B 35 31.29 2.67 23.40
N LYS B 36 31.58 3.96 23.19
CA LYS B 36 32.92 4.48 23.39
C LYS B 36 33.40 4.29 24.81
N ASN B 37 32.49 4.35 25.79
CA ASN B 37 32.89 4.24 27.19
C ASN B 37 32.62 2.89 27.83
N PHE B 38 32.15 1.91 27.08
CA PHE B 38 31.80 0.60 27.64
C PHE B 38 33.05 -0.26 27.69
N GLU B 39 33.58 -0.46 28.88
CA GLU B 39 34.92 -1.02 29.06
C GLU B 39 35.18 -2.27 28.23
N PRO B 40 34.31 -3.29 28.18
CA PRO B 40 34.65 -4.47 27.38
C PRO B 40 34.78 -4.20 25.88
N LEU B 41 34.15 -3.16 25.33
CA LEU B 41 34.21 -2.89 23.89
C LEU B 41 35.12 -1.72 23.53
N LYS B 42 35.68 -1.05 24.54
CA LYS B 42 36.46 0.16 24.35
C LYS B 42 37.55 -0.01 23.31
N GLU B 43 38.25 -1.13 23.33
CA GLU B 43 39.39 -1.33 22.45
C GLU B 43 39.03 -2.07 21.17
N ILE B 44 37.74 -2.32 20.94
CA ILE B 44 37.26 -3.06 19.78
C ILE B 44 36.48 -2.15 18.83
N VAL B 45 35.67 -1.23 19.37
CA VAL B 45 34.85 -0.37 18.53
C VAL B 45 35.70 0.78 17.99
N VAL B 46 35.83 0.86 16.66
CA VAL B 46 36.52 1.98 16.00
C VAL B 46 35.61 3.18 15.88
N SER B 47 34.36 2.96 15.51
CA SER B 47 33.54 4.11 15.16
C SER B 47 32.10 3.64 15.12
N THR B 48 31.17 4.54 15.43
CA THR B 48 29.73 4.27 15.29
C THR B 48 29.17 5.39 14.43
N PHE B 49 28.59 5.08 13.27
CA PHE B 49 28.19 6.18 12.40
C PHE B 49 26.85 5.93 11.72
N LEU B 50 26.20 7.04 11.38
CA LEU B 50 24.90 7.07 10.75
C LEU B 50 25.03 6.75 9.27
N GLN B 51 24.17 5.85 8.76
CA GLN B 51 24.27 5.43 7.36
C GLN B 51 22.85 5.31 6.80
N GLY B 52 22.71 4.62 5.65
CA GLY B 52 21.40 4.32 5.08
C GLY B 52 20.69 5.56 4.57
N SER B 53 19.39 5.40 4.31
CA SER B 53 18.66 6.49 3.64
C SER B 53 18.59 7.73 4.54
N ILE B 54 18.59 7.57 5.86
CA ILE B 54 18.53 8.74 6.74
C ILE B 54 19.77 9.60 6.52
N ARG B 55 20.93 8.96 6.49
CA ARG B 55 22.19 9.70 6.30
C ARG B 55 22.22 10.38 4.94
N ARG B 56 21.73 9.68 3.91
CA ARG B 56 21.81 10.21 2.56
C ARG B 56 20.67 11.17 2.23
N SER B 57 19.76 11.44 3.17
CA SER B 57 18.59 12.30 2.89
C SER B 57 17.74 11.73 1.75
N THR B 58 17.63 10.40 1.71
CA THR B 58 16.72 9.74 0.78
C THR B 58 15.62 8.96 1.51
N ALA B 59 15.42 9.24 2.79
CA ALA B 59 14.37 8.60 3.56
C ALA B 59 13.07 9.37 3.43
N ILE B 60 11.93 8.67 3.39
CA ILE B 60 10.63 9.34 3.42
C ILE B 60 9.95 9.07 4.75
N ARG B 61 9.02 9.98 5.10
CA ARG B 61 8.28 9.87 6.36
C ARG B 61 7.39 8.63 6.33
N PRO B 62 7.45 7.77 7.34
CA PRO B 62 6.53 6.63 7.41
C PRO B 62 5.10 7.08 7.55
N LEU B 63 4.18 6.25 7.08
CA LEU B 63 2.77 6.59 7.17
C LEU B 63 2.27 6.31 8.57
N GLY B 64 1.25 7.07 8.97
CA GLY B 64 0.66 6.87 10.28
C GLY B 64 1.65 7.24 11.36
N ASP B 65 1.77 6.37 12.36
CA ASP B 65 2.67 6.60 13.48
C ASP B 65 3.84 5.64 13.47
N LYS B 66 4.11 5.01 12.34
CA LYS B 66 5.23 4.08 12.23
C LYS B 66 6.55 4.81 12.46
N ARG B 67 7.54 4.11 13.02
CA ARG B 67 8.87 4.65 13.31
C ARG B 67 9.80 4.53 12.11
N PRO B 68 10.54 5.59 11.76
CA PRO B 68 11.55 5.47 10.69
C PRO B 68 12.62 4.45 11.00
N ASP B 69 13.07 3.75 9.97
CA ASP B 69 14.27 2.92 10.04
C ASP B 69 15.49 3.81 9.99
N VAL B 70 16.36 3.70 10.98
CA VAL B 70 17.57 4.52 11.06
C VAL B 70 18.78 3.60 11.10
N ASP B 71 19.54 3.54 10.01
CA ASP B 71 20.64 2.60 9.90
C ASP B 71 21.91 3.14 10.55
N ILE B 72 22.59 2.28 11.32
CA ILE B 72 23.81 2.62 12.04
C ILE B 72 24.85 1.53 11.76
N VAL B 73 26.09 1.94 11.53
CA VAL B 73 27.21 1.02 11.41
C VAL B 73 28.05 1.12 12.66
N VAL B 74 28.36 -0.01 13.28
CA VAL B 74 29.44 -0.08 14.26
C VAL B 74 30.65 -0.67 13.55
N VAL B 75 31.74 0.08 13.46
CA VAL B 75 32.99 -0.42 12.89
C VAL B 75 33.83 -0.96 14.03
N THR B 76 34.23 -2.25 13.92
CA THR B 76 35.17 -2.88 14.85
C THR B 76 36.50 -3.17 14.15
N ASN B 77 37.50 -3.45 14.99
CA ASN B 77 38.82 -3.86 14.52
C ASN B 77 39.01 -5.37 14.64
N LEU B 78 37.92 -6.14 14.71
CA LEU B 78 38.05 -7.59 14.82
C LEU B 78 38.63 -8.19 13.55
N ASP B 79 39.35 -9.30 13.72
CA ASP B 79 39.92 -10.04 12.59
C ASP B 79 38.83 -10.96 12.02
N HIS B 80 38.30 -10.60 10.85
CA HIS B 80 37.20 -11.36 10.26
C HIS B 80 37.65 -12.73 9.77
N THR B 81 38.96 -12.99 9.66
CA THR B 81 39.40 -14.35 9.29
C THR B 81 39.44 -15.28 10.50
N ARG B 82 39.37 -14.74 11.72
CA ARG B 82 39.42 -15.57 12.91
C ARG B 82 38.12 -15.57 13.68
N MET B 83 37.25 -14.59 13.42
CA MET B 83 35.96 -14.52 14.08
C MET B 83 34.85 -14.43 13.05
N SER B 84 33.76 -15.15 13.30
CA SER B 84 32.61 -15.12 12.40
C SER B 84 31.77 -13.87 12.65
N PRO B 85 30.83 -13.56 11.73
CA PRO B 85 29.88 -12.47 12.03
C PRO B 85 29.16 -12.64 13.36
N THR B 86 28.69 -13.85 13.68
CA THR B 86 27.99 -13.98 14.96
C THR B 86 28.94 -13.84 16.13
N ASP B 87 30.21 -14.23 15.99
CA ASP B 87 31.19 -13.94 17.06
C ASP B 87 31.25 -12.44 17.34
N ALA B 88 31.28 -11.62 16.28
CA ALA B 88 31.29 -10.17 16.46
C ALA B 88 30.00 -9.69 17.11
N MET B 89 28.85 -10.13 16.60
CA MET B 89 27.57 -9.71 17.18
C MET B 89 27.43 -10.13 18.65
N ASP B 90 27.88 -11.35 19.00
CA ASP B 90 27.73 -11.85 20.37
C ASP B 90 28.31 -10.87 21.40
N LEU B 91 29.37 -10.15 21.02
CA LEU B 91 30.02 -9.23 21.95
C LEU B 91 29.09 -8.12 22.40
N PHE B 92 28.06 -7.81 21.63
CA PHE B 92 27.24 -6.64 21.91
C PHE B 92 26.05 -6.92 22.82
N ILE B 93 25.79 -8.19 23.15
CA ILE B 93 24.58 -8.53 23.92
C ILE B 93 24.65 -7.94 25.33
N PRO B 94 25.75 -8.09 26.10
CA PRO B 94 25.76 -7.44 27.43
C PRO B 94 25.56 -5.94 27.35
N PHE B 95 26.13 -5.30 26.33
CA PHE B 95 25.98 -3.85 26.16
C PHE B 95 24.52 -3.50 25.96
N LEU B 96 23.86 -4.23 25.04
CA LEU B 96 22.45 -3.96 24.75
C LEU B 96 21.57 -4.22 25.98
N GLU B 97 21.88 -5.27 26.74
CA GLU B 97 21.08 -5.55 27.94
C GLU B 97 21.32 -4.48 29.01
N LYS B 98 22.53 -3.93 29.07
CA LYS B 98 22.80 -2.91 30.08
C LYS B 98 22.10 -1.59 29.72
N TYR B 99 22.21 -1.15 28.47
CA TYR B 99 21.72 0.19 28.14
C TYR B 99 20.35 0.23 27.47
N TYR B 100 19.92 -0.85 26.83
CA TYR B 100 18.61 -0.87 26.15
C TYR B 100 17.74 -2.04 26.58
N PRO B 101 17.61 -2.33 27.89
CA PRO B 101 16.83 -3.51 28.29
C PRO B 101 15.39 -3.41 27.81
N GLY B 102 14.88 -4.52 27.28
CA GLY B 102 13.52 -4.55 26.78
C GLY B 102 13.24 -3.78 25.50
N LYS B 103 14.27 -3.15 24.90
CA LYS B 103 14.06 -2.32 23.73
C LYS B 103 14.95 -2.74 22.54
N TRP B 104 15.66 -3.84 22.65
CA TRP B 104 16.48 -4.30 21.54
C TRP B 104 16.06 -5.71 21.15
N GLU B 105 16.41 -6.11 19.94
CA GLU B 105 16.24 -7.51 19.55
C GLU B 105 17.21 -7.83 18.42
N THR B 106 17.65 -9.10 18.37
CA THR B 106 18.44 -9.54 17.21
C THR B 106 17.50 -9.70 16.03
N GLN B 107 17.88 -9.16 14.87
CA GLN B 107 17.07 -9.17 13.66
C GLN B 107 17.95 -9.68 12.51
N GLY B 108 18.33 -10.95 12.62
CA GLY B 108 19.18 -11.58 11.62
C GLY B 108 20.58 -11.02 11.60
N ARG B 109 20.88 -10.22 10.57
CA ARG B 109 22.22 -9.67 10.41
C ARG B 109 22.40 -8.36 11.14
N SER B 110 21.38 -7.91 11.87
CA SER B 110 21.52 -6.62 12.55
C SER B 110 20.79 -6.66 13.88
N PHE B 111 20.95 -5.60 14.69
CA PHE B 111 20.21 -5.43 15.92
C PHE B 111 19.20 -4.30 15.75
N GLY B 112 17.99 -4.48 16.25
CA GLY B 112 16.98 -3.40 16.25
C GLY B 112 16.93 -2.82 17.64
N ILE B 113 16.93 -1.49 17.73
CA ILE B 113 16.75 -0.80 19.02
C ILE B 113 15.58 0.16 18.86
N THR B 114 14.56 0.00 19.70
CA THR B 114 13.37 0.84 19.64
C THR B 114 13.55 2.08 20.52
N LEU B 115 13.56 3.26 19.91
CA LEU B 115 13.56 4.51 20.67
C LEU B 115 12.13 5.07 20.67
N SER B 116 11.93 6.28 21.23
CA SER B 116 10.57 6.83 21.33
C SER B 116 9.92 7.03 19.96
N TYR B 117 10.68 7.51 18.99
CA TYR B 117 10.11 7.92 17.71
C TYR B 117 10.76 7.27 16.50
N VAL B 118 11.84 6.51 16.69
CA VAL B 118 12.57 5.89 15.57
C VAL B 118 13.02 4.50 16.00
N GLU B 119 13.45 3.70 15.00
CA GLU B 119 13.97 2.37 15.21
C GLU B 119 15.40 2.33 14.65
N LEU B 120 16.40 2.16 15.51
CA LEU B 120 17.78 2.04 15.06
C LEU B 120 17.99 0.63 14.53
N ASP B 121 18.78 0.53 13.46
CA ASP B 121 19.07 -0.74 12.78
C ASP B 121 20.61 -0.82 12.71
N LEU B 122 21.22 -1.55 13.65
CA LEU B 122 22.67 -1.56 13.85
C LEU B 122 23.28 -2.76 13.16
N VAL B 123 24.29 -2.52 12.32
CA VAL B 123 25.06 -3.63 11.77
C VAL B 123 26.48 -3.56 12.32
N ILE B 124 27.03 -4.72 12.69
CA ILE B 124 28.38 -4.83 13.23
C ILE B 124 29.32 -5.18 12.09
N THR B 125 30.38 -4.40 11.90
CA THR B 125 31.27 -4.57 10.77
C THR B 125 32.71 -4.70 11.25
N ALA B 126 33.57 -5.13 10.33
CA ALA B 126 34.99 -5.21 10.59
C ALA B 126 35.76 -4.67 9.40
N ILE B 127 37.02 -4.30 9.65
CA ILE B 127 37.94 -3.78 8.64
C ILE B 127 38.83 -4.93 8.15
N PRO B 128 38.76 -5.30 6.88
CA PRO B 128 39.59 -6.43 6.39
C PRO B 128 41.06 -6.09 6.30
N GLU B 129 41.43 -4.81 6.20
CA GLU B 129 42.83 -4.43 6.03
C GLU B 129 43.61 -4.66 7.33
N SER B 130 44.95 -4.61 7.20
CA SER B 130 45.84 -4.76 8.34
C SER B 130 46.88 -3.64 8.28
N GLY B 131 47.66 -3.53 9.35
CA GLY B 131 48.83 -2.66 9.32
C GLY B 131 48.51 -1.19 9.14
N ALA B 132 49.34 -0.54 8.33
CA ALA B 132 49.22 0.90 8.11
C ALA B 132 47.94 1.23 7.34
N GLU B 133 47.57 0.38 6.39
CA GLU B 133 46.30 0.60 5.66
C GLU B 133 45.14 0.60 6.63
N LYS B 134 45.13 -0.35 7.56
CA LYS B 134 44.08 -0.39 8.57
C LYS B 134 44.09 0.87 9.41
N SER B 135 45.27 1.34 9.86
CA SER B 135 45.32 2.54 10.69
C SER B 135 44.78 3.76 9.94
N HIS B 136 45.13 3.89 8.66
CA HIS B 136 44.63 5.03 7.86
C HIS B 136 43.11 5.00 7.73
N LEU B 137 42.55 3.81 7.51
CA LEU B 137 41.09 3.74 7.44
C LEU B 137 40.45 4.04 8.79
N GLU B 138 41.05 3.55 9.89
CA GLU B 138 40.48 3.88 11.19
C GLU B 138 40.47 5.38 11.41
N GLN B 139 41.52 6.07 10.96
CA GLN B 139 41.53 7.53 11.08
C GLN B 139 40.37 8.15 10.31
N LEU B 140 40.05 7.61 9.14
CA LEU B 140 38.87 8.11 8.41
C LEU B 140 37.58 7.83 9.17
N TYR B 141 37.43 6.61 9.70
CA TYR B 141 36.18 6.30 10.40
C TYR B 141 36.01 7.12 11.67
N LYS B 142 37.10 7.65 12.24
CA LYS B 142 37.02 8.47 13.45
C LYS B 142 36.89 9.96 13.17
N SER B 143 36.83 10.36 11.91
CA SER B 143 36.86 11.77 11.55
C SER B 143 35.45 12.38 11.55
N GLU B 144 35.41 13.71 11.58
CA GLU B 144 34.11 14.40 11.56
C GLU B 144 33.33 14.04 10.31
N SER B 145 34.02 13.83 9.20
CA SER B 145 33.37 13.44 7.94
C SER B 145 32.50 12.19 8.13
N VAL B 146 32.98 11.22 8.88
CA VAL B 146 32.20 10.01 9.09
C VAL B 146 31.25 10.17 10.28
N LEU B 147 31.67 10.86 11.34
CA LEU B 147 30.88 10.86 12.56
C LEU B 147 29.76 11.90 12.57
N THR B 148 29.71 12.82 11.61
CA THR B 148 28.61 13.79 11.62
C THR B 148 27.28 13.05 11.61
N VAL B 149 26.30 13.53 12.39
CA VAL B 149 24.98 12.92 12.30
C VAL B 149 24.02 13.79 11.51
N ASN B 150 24.52 14.83 10.85
CA ASN B 150 23.71 15.58 9.91
C ASN B 150 23.66 14.87 8.57
N SER B 151 22.52 14.96 7.90
CA SER B 151 22.37 14.27 6.63
C SER B 151 22.90 15.13 5.48
N LEU B 152 22.98 14.49 4.31
CA LEU B 152 23.59 15.15 3.14
C LEU B 152 22.91 16.48 2.83
N GLU B 153 21.59 16.54 2.87
CA GLU B 153 20.96 17.79 2.47
C GLU B 153 21.15 18.89 3.50
N GLU B 154 21.51 18.54 4.73
CA GLU B 154 21.83 19.52 5.77
C GLU B 154 23.24 20.07 5.66
N GLN B 155 24.12 19.43 4.87
CA GLN B 155 25.54 19.82 4.82
C GLN B 155 26.02 19.60 3.39
N THR B 156 25.64 20.53 2.51
CA THR B 156 26.07 20.39 1.14
C THR B 156 27.58 20.54 1.00
N ASP B 157 28.26 21.13 1.98
CA ASP B 157 29.73 21.17 1.93
C ASP B 157 30.39 19.86 2.33
N TRP B 158 29.65 18.88 2.81
CA TRP B 158 30.23 17.60 3.22
C TRP B 158 31.05 16.95 2.09
N ARG B 159 32.22 16.42 2.45
CA ARG B 159 33.04 15.60 1.57
C ARG B 159 33.59 14.43 2.38
N LEU B 160 33.97 13.35 1.68
CA LEU B 160 34.56 12.20 2.36
C LEU B 160 36.05 12.46 2.46
N ASN B 161 36.45 13.00 3.61
CA ASN B 161 37.84 13.47 3.75
C ASN B 161 38.06 13.67 5.23
N LYS B 162 39.08 13.01 5.79
CA LYS B 162 39.34 13.13 7.23
C LYS B 162 39.67 14.57 7.64
N SER B 163 39.95 15.47 6.70
CA SER B 163 40.22 16.86 7.06
C SER B 163 39.01 17.75 6.92
N TRP B 164 37.87 17.23 6.44
CA TRP B 164 36.68 18.07 6.32
C TRP B 164 36.18 18.47 7.69
N THR B 165 35.72 19.72 7.80
CA THR B 165 35.04 20.16 9.00
C THR B 165 33.81 20.95 8.58
N PRO B 166 32.74 20.94 9.38
CA PRO B 166 31.52 21.64 8.97
C PRO B 166 31.79 23.10 8.64
N ASN B 167 31.13 23.60 7.60
CA ASN B 167 31.27 24.98 7.18
C ASN B 167 30.54 25.90 8.16
N THR B 168 31.28 26.82 8.77
CA THR B 168 30.74 27.72 9.77
C THR B 168 30.27 29.04 9.19
N GLY B 169 30.09 29.13 7.89
CA GLY B 169 29.63 30.37 7.26
C GLY B 169 30.39 30.77 6.02
N GLN B 178 35.90 24.33 -0.25
CA GLN B 178 37.16 24.20 0.48
C GLN B 178 37.84 22.85 0.18
N VAL B 179 37.61 21.83 0.99
CA VAL B 179 38.23 20.55 0.75
C VAL B 179 37.35 19.75 -0.19
N GLU B 180 37.95 18.76 -0.84
CA GLU B 180 37.21 17.89 -1.72
C GLU B 180 37.26 16.50 -1.11
N ASP B 181 36.56 15.55 -1.74
CA ASP B 181 36.72 14.16 -1.36
C ASP B 181 38.20 13.78 -1.41
N ALA B 182 38.60 12.91 -0.48
CA ALA B 182 39.92 12.36 -0.52
C ALA B 182 40.17 11.65 -1.86
N PRO B 183 41.42 11.62 -2.31
CA PRO B 183 41.76 10.85 -3.51
C PRO B 183 41.21 9.44 -3.38
N ALA B 184 40.65 8.96 -4.49
CA ALA B 184 39.97 7.67 -4.49
C ALA B 184 40.87 6.53 -4.05
N SER B 185 42.18 6.62 -4.31
CA SER B 185 43.05 5.52 -3.94
C SER B 185 43.05 5.28 -2.43
N GLU B 186 42.67 6.28 -1.62
CA GLU B 186 42.64 6.09 -0.19
C GLU B 186 41.42 5.33 0.32
N TRP B 187 40.35 5.16 -0.47
CA TRP B 187 39.13 4.57 0.11
C TRP B 187 38.34 3.70 -0.86
N LYS B 188 38.50 3.91 -2.18
CA LYS B 188 37.56 3.30 -3.13
C LYS B 188 37.59 1.78 -3.09
N ALA B 189 38.78 1.19 -2.99
CA ALA B 189 38.90 -0.27 -2.98
C ALA B 189 38.89 -0.86 -1.57
N HIS B 190 38.31 -0.16 -0.59
CA HIS B 190 38.38 -0.60 0.80
C HIS B 190 37.01 -0.70 1.46
N PRO B 191 36.23 -1.73 1.12
CA PRO B 191 34.95 -1.96 1.79
C PRO B 191 35.16 -2.52 3.19
N LEU B 192 34.14 -2.33 4.02
CA LEU B 192 33.99 -3.07 5.27
C LEU B 192 33.48 -4.44 4.96
N VAL B 193 33.49 -5.33 5.98
CA VAL B 193 32.69 -6.55 5.92
C VAL B 193 31.62 -6.49 6.99
N LEU B 194 30.47 -7.10 6.67
CA LEU B 194 29.30 -7.19 7.56
C LEU B 194 28.70 -8.60 7.47
N PRO B 195 27.77 -8.98 8.33
CA PRO B 195 27.16 -10.32 8.20
C PRO B 195 26.34 -10.41 6.93
N ASP B 196 26.42 -11.54 6.24
CA ASP B 196 25.46 -11.77 5.17
C ASP B 196 24.04 -11.86 5.77
N ARG B 197 23.02 -11.62 4.94
CA ARG B 197 21.67 -11.48 5.47
C ARG B 197 21.21 -12.74 6.19
N GLU B 198 21.44 -13.90 5.58
CA GLU B 198 20.81 -15.15 6.02
C GLU B 198 21.80 -16.22 6.45
N LYS B 199 23.11 -15.94 6.39
CA LYS B 199 24.07 -16.97 6.78
C LYS B 199 25.25 -16.31 7.46
N ASN B 200 25.95 -17.11 8.25
CA ASN B 200 26.99 -16.64 9.15
C ASN B 200 28.34 -16.53 8.41
N GLU B 201 28.38 -15.67 7.40
CA GLU B 201 29.57 -15.41 6.61
C GLU B 201 29.72 -13.91 6.37
N TRP B 202 30.96 -13.46 6.25
CA TRP B 202 31.20 -12.04 6.02
C TRP B 202 30.98 -11.68 4.55
N GLY B 203 30.26 -10.61 4.30
CA GLY B 203 30.12 -10.05 2.96
C GLY B 203 30.65 -8.62 2.95
N ARG B 204 30.93 -8.06 1.79
CA ARG B 204 31.50 -6.73 1.71
C ARG B 204 30.40 -5.70 1.61
N THR B 205 30.64 -4.55 2.22
CA THR B 205 29.74 -3.40 2.10
C THR B 205 30.58 -2.14 2.19
N HIS B 206 30.24 -1.11 1.42
CA HIS B 206 31.05 0.11 1.43
C HIS B 206 30.12 1.31 1.56
N PRO B 207 29.52 1.49 2.75
CA PRO B 207 28.56 2.57 2.93
C PRO B 207 29.18 3.96 2.72
N LEU B 208 30.44 4.18 3.14
CA LEU B 208 31.02 5.52 2.90
C LEU B 208 31.09 5.83 1.41
N ALA B 209 31.48 4.84 0.59
CA ALA B 209 31.52 5.08 -0.85
C ALA B 209 30.12 5.34 -1.42
N GLN B 210 29.08 4.67 -0.90
CA GLN B 210 27.72 4.95 -1.38
C GLN B 210 27.29 6.36 -1.00
N ILE B 211 27.58 6.75 0.24
CA ILE B 211 27.25 8.10 0.69
C ILE B 211 27.96 9.14 -0.17
N ARG B 212 29.26 8.97 -0.37
CA ARG B 212 30.02 9.93 -1.17
C ARG B 212 29.48 9.99 -2.60
N TRP B 213 29.18 8.83 -3.18
CA TRP B 213 28.64 8.82 -4.54
C TRP B 213 27.34 9.61 -4.60
N THR B 214 26.47 9.42 -3.60
CA THR B 214 25.18 10.10 -3.58
C THR B 214 25.36 11.62 -3.44
N ALA B 215 26.27 12.03 -2.55
CA ALA B 215 26.49 13.48 -2.37
C ALA B 215 26.98 14.09 -3.68
N GLU B 216 27.88 13.39 -4.37
CA GLU B 216 28.41 13.90 -5.63
C GLU B 216 27.33 13.92 -6.71
N LYS B 217 26.55 12.84 -6.82
CA LYS B 217 25.45 12.81 -7.78
C LYS B 217 24.49 13.96 -7.51
N ASN B 218 24.23 14.23 -6.24
CA ASN B 218 23.34 15.33 -5.89
C ASN B 218 23.93 16.66 -6.36
N ARG B 219 25.25 16.87 -6.19
CA ARG B 219 25.89 18.08 -6.73
C ARG B 219 25.82 18.14 -8.25
N LEU B 220 26.12 17.03 -8.92
CA LEU B 220 26.04 16.97 -10.37
C LEU B 220 24.63 17.26 -10.88
N CYS B 221 23.62 17.03 -10.04
CA CYS B 221 22.23 17.20 -10.43
C CYS B 221 21.60 18.40 -9.74
N ASN B 222 22.44 19.35 -9.30
CA ASN B 222 21.99 20.65 -8.83
C ASN B 222 21.03 20.53 -7.65
N GLY B 223 21.26 19.54 -6.81
CA GLY B 223 20.48 19.35 -5.60
C GLY B 223 19.18 18.60 -5.79
N HIS B 224 18.89 18.12 -7.00
CA HIS B 224 17.60 17.51 -7.27
C HIS B 224 17.61 16.01 -7.07
N TYR B 225 18.80 15.39 -6.99
CA TYR B 225 18.84 13.93 -6.99
C TYR B 225 18.16 13.35 -5.74
N ILE B 226 18.57 13.78 -4.53
CA ILE B 226 18.02 13.15 -3.34
C ILE B 226 16.54 13.46 -3.19
N ASN B 227 16.11 14.63 -3.71
CA ASN B 227 14.67 14.94 -3.73
C ASN B 227 13.93 14.03 -4.70
N LEU B 228 14.53 13.74 -5.86
CA LEU B 228 13.89 12.84 -6.81
C LEU B 228 13.81 11.41 -6.28
N VAL B 229 14.83 10.96 -5.54
CA VAL B 229 14.72 9.64 -4.88
C VAL B 229 13.50 9.62 -3.97
N ARG B 230 13.38 10.64 -3.10
CA ARG B 230 12.24 10.66 -2.18
C ARG B 230 10.92 10.75 -2.92
N ALA B 231 10.87 11.53 -3.99
CA ALA B 231 9.62 11.67 -4.72
C ALA B 231 9.22 10.34 -5.36
N VAL B 232 10.17 9.63 -5.96
CA VAL B 232 9.83 8.34 -6.57
C VAL B 232 9.47 7.31 -5.50
N LYS B 233 10.15 7.33 -4.36
CA LYS B 233 9.72 6.44 -3.27
C LYS B 233 8.30 6.75 -2.84
N TRP B 234 7.94 8.02 -2.80
CA TRP B 234 6.56 8.38 -2.44
C TRP B 234 5.58 7.91 -3.50
N TRP B 235 5.93 8.07 -4.77
CA TRP B 235 5.08 7.52 -5.84
C TRP B 235 4.88 6.02 -5.65
N ARG B 236 5.96 5.30 -5.35
CA ARG B 236 5.86 3.85 -5.20
C ARG B 236 4.94 3.48 -4.05
N GLN B 237 5.04 4.23 -2.96
CA GLN B 237 4.15 3.97 -1.83
C GLN B 237 2.70 4.31 -2.19
N GLN B 238 2.49 5.45 -2.82
CA GLN B 238 1.14 5.89 -3.17
C GLN B 238 0.47 4.97 -4.17
N ASN B 239 1.25 4.33 -5.05
CA ASN B 239 0.70 3.46 -6.06
C ASN B 239 1.04 1.99 -5.79
N SER B 240 1.27 1.64 -4.52
CA SER B 240 1.77 0.31 -4.17
C SER B 240 0.81 -0.79 -4.59
N GLU B 241 -0.50 -0.50 -4.60
CA GLU B 241 -1.44 -1.53 -5.03
C GLU B 241 -1.24 -1.93 -6.49
N ASP B 242 -0.74 -1.01 -7.31
CA ASP B 242 -0.57 -1.25 -8.74
C ASP B 242 0.88 -1.51 -9.14
N LEU B 243 1.76 -1.74 -8.18
CA LEU B 243 3.17 -1.97 -8.44
C LEU B 243 3.60 -3.24 -7.73
N PRO B 244 4.67 -3.89 -8.20
CA PRO B 244 5.21 -5.04 -7.47
C PRO B 244 5.79 -4.60 -6.14
N LYS B 245 5.93 -5.55 -5.21
CA LYS B 245 6.46 -5.22 -3.89
C LYS B 245 7.91 -4.76 -3.99
N TYR B 246 8.69 -5.39 -4.88
CA TYR B 246 10.06 -4.99 -5.15
C TYR B 246 10.15 -4.49 -6.60
N PRO B 247 11.02 -3.52 -6.89
CA PRO B 247 12.01 -2.97 -5.97
C PRO B 247 11.42 -1.93 -5.00
N LYS B 248 12.07 -1.82 -3.84
CA LYS B 248 11.78 -0.76 -2.90
C LYS B 248 13.07 -0.49 -2.14
N GLY B 249 13.08 0.56 -1.33
CA GLY B 249 14.30 0.78 -0.53
C GLY B 249 15.53 0.99 -1.38
N TYR B 250 16.67 0.39 -0.94
CA TYR B 250 17.92 0.83 -1.60
C TYR B 250 17.98 0.40 -3.08
N PRO B 251 17.56 -0.80 -3.45
CA PRO B 251 17.60 -1.11 -4.91
C PRO B 251 16.78 -0.13 -5.73
N LEU B 252 15.65 0.36 -5.18
CA LEU B 252 14.90 1.38 -5.88
C LEU B 252 15.69 2.67 -6.01
N GLU B 253 16.28 3.13 -4.89
CA GLU B 253 17.16 4.30 -4.96
C GLU B 253 18.25 4.11 -6.00
N HIS B 254 18.85 2.92 -6.04
CA HIS B 254 19.93 2.69 -6.99
C HIS B 254 19.42 2.79 -8.44
N LEU B 255 18.23 2.25 -8.72
CA LEU B 255 17.69 2.36 -10.07
C LEU B 255 17.46 3.82 -10.44
N ILE B 256 17.03 4.62 -9.47
CA ILE B 256 16.79 6.04 -9.75
C ILE B 256 18.10 6.76 -10.01
N GLY B 257 19.10 6.52 -9.16
CA GLY B 257 20.40 7.16 -9.38
C GLY B 257 21.04 6.74 -10.68
N ASN B 258 20.78 5.52 -11.11
CA ASN B 258 21.26 5.08 -12.41
C ASN B 258 20.54 5.83 -13.53
N ALA B 259 19.21 5.90 -13.46
CA ALA B 259 18.44 6.44 -14.57
C ALA B 259 18.62 7.94 -14.73
N LEU B 260 18.78 8.66 -13.62
CA LEU B 260 18.92 10.11 -13.70
C LEU B 260 20.24 10.47 -14.38
N ASP B 261 20.17 11.42 -15.32
CA ASP B 261 21.37 11.99 -15.95
C ASP B 261 22.00 13.08 -15.06
N ASN B 262 23.32 13.28 -15.22
CA ASN B 262 23.91 14.49 -14.64
C ASN B 262 23.27 15.73 -15.25
N GLY B 263 23.26 16.81 -14.48
CA GLY B 263 22.88 18.12 -14.98
C GLY B 263 21.42 18.52 -14.80
N THR B 264 20.66 17.77 -14.00
CA THR B 264 19.23 18.01 -13.76
C THR B 264 18.96 19.48 -13.40
N THR B 265 17.95 20.10 -14.04
CA THR B 265 17.65 21.50 -13.73
C THR B 265 16.35 21.73 -12.95
N SER B 266 15.47 20.74 -12.83
CA SER B 266 14.30 20.90 -11.97
C SER B 266 13.79 19.50 -11.65
N MET B 267 12.92 19.42 -10.62
CA MET B 267 12.28 18.15 -10.28
C MET B 267 11.48 17.60 -11.45
N ALA B 268 10.67 18.45 -12.08
CA ALA B 268 9.76 17.96 -13.12
C ALA B 268 10.53 17.46 -14.33
N GLN B 269 11.53 18.24 -14.77
CA GLN B 269 12.38 17.81 -15.86
C GLN B 269 13.14 16.53 -15.52
N GLY B 270 13.67 16.47 -14.30
CA GLY B 270 14.39 15.28 -13.87
C GLY B 270 13.51 14.04 -13.83
N LEU B 271 12.27 14.18 -13.35
CA LEU B 271 11.37 13.03 -13.31
C LEU B 271 11.09 12.52 -14.71
N VAL B 272 10.80 13.44 -15.63
CA VAL B 272 10.50 12.96 -16.98
C VAL B 272 11.74 12.32 -17.60
N GLN B 273 12.90 12.96 -17.42
CA GLN B 273 14.12 12.43 -18.03
C GLN B 273 14.45 11.06 -17.47
N LEU B 274 14.43 10.92 -16.13
CA LEU B 274 14.85 9.64 -15.56
C LEU B 274 13.86 8.52 -15.93
N MET B 275 12.57 8.83 -15.99
CA MET B 275 11.62 7.81 -16.43
C MET B 275 11.80 7.46 -17.90
N ASP B 276 11.94 8.46 -18.77
CA ASP B 276 12.21 8.19 -20.18
C ASP B 276 13.47 7.34 -20.35
N THR B 277 14.53 7.71 -19.63
CA THR B 277 15.79 6.98 -19.77
C THR B 277 15.66 5.56 -19.23
N PHE B 278 15.00 5.40 -18.09
CA PHE B 278 14.73 4.06 -17.58
C PHE B 278 14.05 3.21 -18.65
N LEU B 279 13.05 3.79 -19.32
CA LEU B 279 12.30 2.97 -20.28
C LEU B 279 13.16 2.63 -21.50
N SER B 280 13.97 3.57 -21.97
CA SER B 280 14.77 3.23 -23.15
C SER B 280 15.94 2.32 -22.81
N ARG B 281 16.59 2.56 -21.66
CA ARG B 281 17.75 1.76 -21.25
C ARG B 281 17.38 0.30 -21.03
N TRP B 282 16.22 0.06 -20.42
CA TRP B 282 15.87 -1.30 -20.06
C TRP B 282 14.83 -1.91 -20.98
N ALA B 283 14.56 -1.27 -22.13
CA ALA B 283 13.54 -1.81 -23.06
C ALA B 283 13.87 -3.24 -23.49
N ALA B 284 15.14 -3.47 -23.85
CA ALA B 284 15.57 -4.78 -24.34
C ALA B 284 15.48 -5.84 -23.25
N ILE B 285 15.93 -5.48 -22.05
CA ILE B 285 15.81 -6.38 -20.90
C ILE B 285 14.35 -6.68 -20.61
N TYR B 286 13.47 -5.67 -20.73
CA TYR B 286 12.05 -5.92 -20.50
C TYR B 286 11.49 -6.88 -21.56
N ASN B 287 11.92 -6.69 -22.80
CA ASN B 287 11.47 -7.55 -23.89
C ASN B 287 11.95 -8.99 -23.70
N GLN B 288 13.12 -9.17 -23.10
CA GLN B 288 13.67 -10.48 -22.76
C GLN B 288 13.08 -11.07 -21.46
N LYS B 289 12.17 -10.37 -20.79
CA LYS B 289 11.60 -10.84 -19.52
C LYS B 289 12.69 -11.12 -18.50
N SER B 290 13.63 -10.19 -18.41
CA SER B 290 14.79 -10.36 -17.57
C SER B 290 14.87 -9.21 -16.57
N LYS B 291 16.07 -8.93 -16.08
CA LYS B 291 16.31 -7.82 -15.19
C LYS B 291 17.75 -7.38 -15.37
N PRO B 292 18.08 -6.13 -15.06
CA PRO B 292 19.45 -5.68 -15.22
C PRO B 292 20.35 -6.18 -14.09
N TRP B 293 21.62 -6.37 -14.43
CA TRP B 293 22.70 -6.56 -13.46
C TRP B 293 23.36 -5.20 -13.27
N LEU B 294 23.34 -4.67 -12.04
CA LEU B 294 23.80 -3.31 -11.81
C LEU B 294 24.85 -3.28 -10.71
N SER B 295 26.04 -2.79 -11.06
CA SER B 295 27.15 -2.74 -10.12
C SER B 295 26.85 -1.77 -8.97
N ASP B 296 27.05 -2.22 -7.73
CA ASP B 296 26.94 -1.34 -6.57
C ASP B 296 28.03 -0.26 -6.60
N HIS B 297 27.65 0.97 -6.26
CA HIS B 297 28.65 2.06 -6.21
C HIS B 297 29.67 1.85 -5.10
N GLY B 298 29.37 1.01 -4.12
CA GLY B 298 30.34 0.74 -3.06
C GLY B 298 31.23 -0.46 -3.32
N VAL B 299 30.62 -1.57 -3.70
CA VAL B 299 31.33 -2.83 -3.92
C VAL B 299 31.04 -3.20 -5.38
N ALA B 300 32.03 -2.97 -6.27
CA ALA B 300 31.75 -3.02 -7.71
C ALA B 300 31.24 -4.39 -8.16
N GLU B 301 31.77 -5.49 -7.57
CA GLU B 301 31.38 -6.82 -8.05
C GLU B 301 30.00 -7.25 -7.57
N HIS B 302 29.35 -6.48 -6.71
CA HIS B 302 27.99 -6.81 -6.25
C HIS B 302 26.92 -6.28 -7.20
N ASP B 303 25.93 -7.14 -7.47
CA ASP B 303 24.74 -6.75 -8.25
C ASP B 303 23.70 -6.24 -7.26
N VAL B 304 23.40 -4.94 -7.31
CA VAL B 304 22.41 -4.38 -6.38
C VAL B 304 21.06 -5.06 -6.58
N MET B 305 20.77 -5.51 -7.81
CA MET B 305 19.50 -6.19 -8.13
C MET B 305 19.53 -7.70 -7.87
N ALA B 306 20.51 -8.20 -7.11
CA ALA B 306 20.67 -9.67 -7.00
C ALA B 306 19.39 -10.36 -6.49
N ARG B 307 18.66 -9.75 -5.55
CA ARG B 307 17.49 -10.44 -4.99
C ARG B 307 16.20 -10.09 -5.72
N LEU B 308 16.25 -9.18 -6.68
CA LEU B 308 15.06 -8.74 -7.42
C LEU B 308 14.74 -9.79 -8.47
N THR B 309 13.49 -10.23 -8.55
CA THR B 309 13.15 -11.20 -9.59
C THR B 309 12.89 -10.51 -10.91
N ALA B 310 13.06 -11.27 -12.00
CA ALA B 310 12.74 -10.75 -13.32
C ALA B 310 11.27 -10.37 -13.42
N GLU B 311 10.39 -11.15 -12.80
CA GLU B 311 8.96 -10.83 -12.85
C GLU B 311 8.69 -9.47 -12.21
N ASP B 312 9.29 -9.23 -11.04
CA ASP B 312 9.10 -7.96 -10.36
C ASP B 312 9.72 -6.81 -11.15
N PHE B 313 10.92 -7.01 -11.69
CA PHE B 313 11.50 -5.94 -12.48
C PHE B 313 10.60 -5.58 -13.67
N CYS B 314 10.04 -6.59 -14.33
CA CYS B 314 9.22 -6.28 -15.51
C CYS B 314 7.89 -5.62 -15.11
N SER B 315 7.27 -6.06 -14.00
CA SER B 315 6.07 -5.35 -13.52
C SER B 315 6.39 -3.91 -13.14
N PHE B 316 7.56 -3.68 -12.55
CA PHE B 316 7.99 -2.32 -12.22
C PHE B 316 8.21 -1.50 -13.49
N TYR B 317 8.81 -2.10 -14.51
CA TYR B 317 9.00 -1.42 -15.78
C TYR B 317 7.65 -0.96 -16.34
N GLU B 318 6.64 -1.82 -16.24
CA GLU B 318 5.29 -1.45 -16.72
C GLU B 318 4.72 -0.30 -15.90
N GLY B 319 5.01 -0.30 -14.59
CA GLY B 319 4.58 0.82 -13.74
C GLY B 319 5.26 2.13 -14.09
N ILE B 320 6.56 2.08 -14.38
CA ILE B 320 7.26 3.29 -14.81
C ILE B 320 6.71 3.76 -16.14
N ALA B 321 6.38 2.82 -17.02
CA ALA B 321 5.88 3.22 -18.33
C ALA B 321 4.56 3.97 -18.20
N SER B 322 3.67 3.47 -17.34
CA SER B 322 2.43 4.18 -17.06
C SER B 322 2.68 5.54 -16.39
N ALA B 323 3.61 5.59 -15.42
CA ALA B 323 3.88 6.83 -14.72
C ALA B 323 4.46 7.89 -15.66
N ALA B 324 5.29 7.46 -16.61
CA ALA B 324 5.99 8.42 -17.47
C ALA B 324 5.01 9.19 -18.33
N GLU B 325 3.91 8.55 -18.76
CA GLU B 325 2.88 9.25 -19.52
C GLU B 325 2.30 10.39 -18.70
N ILE B 326 1.97 10.10 -17.45
CA ILE B 326 1.43 11.12 -16.56
C ILE B 326 2.43 12.25 -16.36
N ALA B 327 3.68 11.89 -16.05
CA ALA B 327 4.70 12.92 -15.79
C ALA B 327 4.93 13.79 -17.03
N ARG B 328 5.00 13.18 -18.22
CA ARG B 328 5.16 13.97 -19.43
C ARG B 328 4.01 14.97 -19.59
N ASN B 329 2.79 14.51 -19.34
CA ASN B 329 1.61 15.40 -19.48
C ASN B 329 1.61 16.50 -18.42
N ALA B 330 1.99 16.16 -17.19
CA ALA B 330 2.06 17.15 -16.13
C ALA B 330 3.09 18.21 -16.46
N LEU B 331 4.25 17.79 -16.99
CA LEU B 331 5.27 18.77 -17.37
C LEU B 331 4.81 19.66 -18.53
N ALA B 332 4.16 19.06 -19.52
CA ALA B 332 3.75 19.80 -20.70
C ALA B 332 2.57 20.72 -20.44
N SER B 333 1.76 20.44 -19.43
CA SER B 333 0.57 21.24 -19.18
C SER B 333 0.93 22.70 -18.94
N GLU B 334 0.23 23.61 -19.62
CA GLU B 334 0.54 25.03 -19.49
C GLU B 334 -0.36 25.75 -18.50
N GLU B 335 -1.17 25.01 -17.75
CA GLU B 335 -2.10 25.56 -16.78
C GLU B 335 -1.74 25.07 -15.38
N PRO B 336 -1.56 25.96 -14.41
CA PRO B 336 -1.07 25.51 -13.08
C PRO B 336 -1.96 24.46 -12.42
N GLN B 337 -3.28 24.66 -12.41
CA GLN B 337 -4.15 23.71 -11.73
C GLN B 337 -4.15 22.35 -12.44
N GLU B 338 -4.28 22.36 -13.77
CA GLU B 338 -4.27 21.10 -14.51
C GLU B 338 -2.95 20.36 -14.31
N SER B 339 -1.85 21.10 -14.38
CA SER B 339 -0.53 20.50 -14.18
C SER B 339 -0.42 19.87 -12.80
N ALA B 340 -0.84 20.61 -11.76
CA ALA B 340 -0.75 20.08 -10.41
C ALA B 340 -1.67 18.88 -10.21
N GLN B 341 -2.84 18.86 -10.86
CA GLN B 341 -3.67 17.68 -10.74
C GLN B 341 -3.01 16.46 -11.38
N LEU B 342 -2.27 16.65 -12.45
CA LEU B 342 -1.55 15.51 -13.03
C LEU B 342 -0.40 15.02 -12.11
N TRP B 343 0.37 15.97 -11.56
CA TRP B 343 1.41 15.57 -10.62
C TRP B 343 0.80 14.80 -9.44
N ARG B 344 -0.38 15.23 -8.99
CA ARG B 344 -1.07 14.57 -7.89
C ARG B 344 -1.58 13.19 -8.27
N GLN B 345 -1.80 12.96 -9.56
CA GLN B 345 -2.07 11.59 -10.00
C GLN B 345 -0.86 10.69 -9.73
N LEU B 346 0.36 11.25 -9.79
CA LEU B 346 1.52 10.44 -9.40
C LEU B 346 1.72 10.36 -7.88
N PHE B 347 1.62 11.48 -7.19
CA PHE B 347 2.12 11.59 -5.82
C PHE B 347 1.04 11.63 -4.75
N GLY B 348 -0.22 11.84 -5.12
CA GLY B 348 -1.27 11.95 -4.11
C GLY B 348 -1.31 13.35 -3.52
N SER B 349 -2.10 13.46 -2.45
CA SER B 349 -2.49 14.77 -1.94
C SER B 349 -1.37 15.52 -1.19
N LYS B 350 -0.24 14.87 -0.90
CA LYS B 350 0.90 15.59 -0.35
C LYS B 350 1.51 16.56 -1.36
N PHE B 351 1.20 16.42 -2.64
CA PHE B 351 1.63 17.40 -3.63
C PHE B 351 0.56 18.49 -3.69
N PRO B 352 0.87 19.72 -3.33
CA PRO B 352 -0.19 20.73 -3.16
C PRO B 352 -0.59 21.35 -4.47
N LEU B 353 -1.83 21.82 -4.51
CA LEU B 353 -2.30 22.67 -5.60
C LEU B 353 -1.72 24.08 -5.43
N PRO B 354 -1.37 24.74 -6.54
CA PRO B 354 -0.91 26.13 -6.45
C PRO B 354 -2.03 27.06 -6.02
N GLY B 355 -1.63 28.21 -5.49
CA GLY B 355 -2.59 29.23 -5.08
C GLY B 355 -3.34 29.87 -6.23
#